data_9G7F
#
_entry.id   9G7F
#
_cell.length_a   1.00
_cell.length_b   1.00
_cell.length_c   1.00
_cell.angle_alpha   90.00
_cell.angle_beta   90.00
_cell.angle_gamma   90.00
#
_symmetry.space_group_name_H-M   'P 1'
#
loop_
_entity.id
_entity.type
_entity.pdbx_description
1 polymer 'Acetyl-coenzyme A synthetase'
2 polymer 'Acetoin utilization protein AcuA'
#
loop_
_entity_poly.entity_id
_entity_poly.type
_entity_poly.pdbx_seq_one_letter_code
_entity_poly.pdbx_strand_id
1 'polypeptide(L)'
;MNLKALPAIEGDHNLKNYEETYRHFDWAEAEKHFSWHETGKLNAAYEAIDRHAESFRKNKVALYYKDAKRDEKYTFKEMK
EESNRAGNVLRRYGNVEKGDRVFIFMPRSPELYFIMLGAIKIGAIAGPLFEAFMEGAVKDRLENSEAKVVVTTPELLERI
PVDKLPHLQHVFVVGGEAESGTNIINYDEAAKQESTRLDIEWMDKKDGFLLHYTSGSTGTPKGVLHVHEAMIQQYQTGKW
VLDLKEEDIYWCTADPGWVTGTVYGIFAPWLNGATNVIVGGRFSPESWYGTIEQLGVNVWYSAPTAFRMLMGAGDEMAAK
YDLTSLRHVLSVGEPLNPEVIRWGHKVFNKRIHDTWWMTETGSQLICNYPCMDIKPGSMGKPIPGVEAAIVDNQGNELPP
YRMGNLAIKKGWPSMMHTIWNNPEKYESYFMPGGWYVSGDSAYMDEEGYFWFQGRVDDVIMTSGERVGPFEVESKLVEHP
AIAEAGVIGKPDPVRGEIIKAFIALREGFEPSDKLKEEIRLFVKQGLAAHAAPREIEFKDKLPKTRSGKIMRRVLKAWEL
NLPAGDLSTMED
;
B,A
2 'polypeptide(L)'
;MEHHKTYHSANIKTATGSLLIEGPVSPEDLAGYEFHKDLTAFRPPREQHEALVDIAGLPEGRIIIARDGRTIVGYVTYLY
PDPLERWSEGNMEDLIELGAIEVAPDYRGCAVGKTLLTVSMMDEQMENYIVMTTEYYWHWDLKGMKKDVWEYRKIMEKMM
NAGGLVWFATDEPEISSHPANCLMARIGKNVSQESIEQFDRLRFYHRYMY
;
C
#
# COMPACT_ATOMS: atom_id res chain seq x y z
N LEU A 3 -13.46 -29.68 -8.08
CA LEU A 3 -12.37 -28.88 -7.53
C LEU A 3 -11.03 -29.39 -8.05
N LYS A 4 -10.29 -28.52 -8.73
CA LYS A 4 -9.04 -28.90 -9.38
C LYS A 4 -7.91 -28.14 -8.70
N ALA A 5 -6.89 -28.88 -8.27
CA ALA A 5 -5.82 -28.30 -7.46
C ALA A 5 -4.96 -27.35 -8.28
N LEU A 6 -4.70 -26.18 -7.72
CA LEU A 6 -3.91 -25.17 -8.42
C LEU A 6 -2.43 -25.57 -8.41
N PRO A 7 -1.81 -25.78 -9.56
CA PRO A 7 -0.40 -26.14 -9.57
C PRO A 7 0.49 -25.02 -9.08
N ALA A 8 1.60 -25.40 -8.45
CA ALA A 8 2.52 -24.41 -7.90
C ALA A 8 3.33 -23.75 -9.02
N ILE A 9 3.98 -22.64 -8.66
CA ILE A 9 4.80 -21.87 -9.58
C ILE A 9 6.24 -21.93 -9.07
N GLU A 10 7.15 -22.35 -9.94
CA GLU A 10 8.56 -22.44 -9.56
C GLU A 10 9.13 -21.06 -9.30
N GLY A 11 9.93 -20.95 -8.24
CA GLY A 11 10.53 -19.69 -7.88
C GLY A 11 11.44 -19.86 -6.69
N ASP A 12 12.06 -18.76 -6.30
CA ASP A 12 12.98 -18.74 -5.16
C ASP A 12 12.24 -18.59 -3.83
N HIS A 13 11.42 -19.60 -3.51
CA HIS A 13 10.62 -19.59 -2.30
C HIS A 13 11.50 -19.68 -1.05
N ASN A 14 10.88 -19.69 0.13
CA ASN A 14 11.61 -19.87 1.37
C ASN A 14 11.48 -21.28 1.94
N LEU A 15 10.33 -21.93 1.75
CA LEU A 15 10.13 -23.32 2.15
C LEU A 15 10.29 -24.19 0.91
N LYS A 16 11.55 -24.52 0.59
CA LYS A 16 11.83 -25.24 -0.65
C LYS A 16 11.04 -26.53 -0.76
N ASN A 17 11.06 -27.33 0.30
CA ASN A 17 10.36 -28.62 0.30
C ASN A 17 9.59 -28.73 1.61
N TYR A 18 8.27 -28.82 1.52
CA TYR A 18 7.46 -28.88 2.73
C TYR A 18 7.55 -30.24 3.41
N GLU A 19 7.56 -31.31 2.62
CA GLU A 19 7.58 -32.65 3.20
C GLU A 19 8.87 -32.91 3.97
N GLU A 20 10.02 -32.56 3.38
CA GLU A 20 11.29 -32.81 4.04
C GLU A 20 11.42 -31.96 5.31
N THR A 21 10.92 -30.72 5.28
CA THR A 21 10.97 -29.89 6.47
C THR A 21 10.05 -30.44 7.55
N TYR A 22 8.81 -30.77 7.19
CA TYR A 22 7.88 -31.33 8.16
C TYR A 22 8.42 -32.60 8.79
N ARG A 23 9.16 -33.40 8.02
CA ARG A 23 9.76 -34.60 8.60
C ARG A 23 10.98 -34.28 9.46
N HIS A 24 11.75 -33.25 9.11
CA HIS A 24 12.99 -32.93 9.83
C HIS A 24 13.03 -31.46 10.24
N PHE A 25 11.99 -30.96 10.90
CA PHE A 25 12.03 -29.62 11.45
C PHE A 25 12.04 -29.68 12.97
N ASP A 26 12.92 -28.90 13.57
CA ASP A 26 12.96 -28.70 15.01
C ASP A 26 12.88 -27.21 15.28
N TRP A 27 12.25 -26.85 16.40
CA TRP A 27 12.14 -25.44 16.74
C TRP A 27 13.48 -24.83 17.15
N ALA A 28 14.51 -25.64 17.34
CA ALA A 28 15.84 -25.10 17.65
C ALA A 28 16.42 -24.33 16.48
N GLU A 29 16.34 -24.89 15.27
CA GLU A 29 16.85 -24.17 14.11
C GLU A 29 16.01 -22.93 13.81
N ALA A 30 14.70 -22.99 14.06
CA ALA A 30 13.87 -21.81 13.92
C ALA A 30 14.29 -20.72 14.91
N GLU A 31 14.53 -21.11 16.17
CA GLU A 31 14.97 -20.15 17.16
C GLU A 31 16.37 -19.61 16.83
N LYS A 32 17.17 -20.37 16.09
CA LYS A 32 18.48 -19.87 15.67
C LYS A 32 18.37 -18.64 14.80
N HIS A 33 17.26 -18.48 14.08
CA HIS A 33 17.06 -17.30 13.26
C HIS A 33 16.85 -16.04 14.10
N PHE A 34 16.63 -16.19 15.41
CA PHE A 34 16.37 -15.06 16.28
C PHE A 34 17.62 -14.67 17.06
N SER A 35 17.68 -13.40 17.45
CA SER A 35 18.85 -12.88 18.13
C SER A 35 18.97 -13.41 19.55
N TRP A 36 17.84 -13.65 20.22
CA TRP A 36 17.88 -14.09 21.61
C TRP A 36 18.47 -15.48 21.76
N HIS A 37 18.53 -16.27 20.68
CA HIS A 37 19.17 -17.58 20.78
C HIS A 37 20.65 -17.45 21.07
N GLU A 38 21.29 -16.41 20.53
CA GLU A 38 22.68 -16.14 20.83
C GLU A 38 22.87 -15.20 22.01
N THR A 39 21.97 -14.24 22.19
CA THR A 39 22.13 -13.20 23.19
C THR A 39 21.36 -13.46 24.48
N GLY A 40 20.19 -14.10 24.40
CA GLY A 40 19.36 -14.35 25.56
C GLY A 40 18.36 -13.26 25.88
N LYS A 41 18.43 -12.12 25.20
CA LYS A 41 17.47 -11.02 25.40
C LYS A 41 16.35 -11.18 24.38
N LEU A 42 15.13 -11.39 24.88
CA LEU A 42 14.00 -11.76 24.03
C LEU A 42 12.87 -10.75 24.16
N ASN A 43 12.26 -10.42 23.02
CA ASN A 43 11.04 -9.61 22.96
C ASN A 43 10.46 -9.71 21.56
N ALA A 44 9.14 -9.87 21.47
CA ALA A 44 8.49 -10.02 20.17
C ALA A 44 8.58 -8.75 19.35
N ALA A 45 8.29 -7.61 19.98
CA ALA A 45 8.33 -6.33 19.27
C ALA A 45 9.75 -6.01 18.83
N TYR A 46 10.74 -6.32 19.67
CA TYR A 46 12.13 -6.12 19.29
C TYR A 46 12.44 -6.86 18.01
N GLU A 47 12.15 -8.15 17.97
CA GLU A 47 12.49 -8.94 16.79
C GLU A 47 11.61 -8.63 15.61
N ALA A 48 10.48 -7.97 15.82
CA ALA A 48 9.65 -7.54 14.70
C ALA A 48 10.13 -6.23 14.09
N ILE A 49 10.75 -5.35 14.89
CA ILE A 49 11.09 -4.03 14.37
C ILE A 49 12.59 -3.74 14.48
N ASP A 50 13.12 -3.78 15.69
CA ASP A 50 14.48 -3.30 15.95
C ASP A 50 15.53 -4.15 15.24
N ARG A 51 15.27 -5.46 15.14
CA ARG A 51 16.23 -6.36 14.52
C ARG A 51 16.50 -5.96 13.08
N HIS A 52 15.46 -5.59 12.33
CA HIS A 52 15.62 -5.12 10.96
C HIS A 52 16.03 -3.67 10.89
N ALA A 53 15.57 -2.84 11.83
CA ALA A 53 16.00 -1.45 11.84
C ALA A 53 17.50 -1.33 12.08
N GLU A 54 18.11 -2.37 12.66
CA GLU A 54 19.56 -2.41 12.81
C GLU A 54 20.25 -3.23 11.72
N SER A 55 19.50 -4.04 10.98
CA SER A 55 20.06 -4.86 9.92
C SER A 55 20.18 -4.03 8.64
N PHE A 56 20.41 -4.71 7.52
CA PHE A 56 20.49 -4.03 6.22
C PHE A 56 19.14 -3.53 5.73
N ARG A 57 18.04 -3.94 6.35
CA ARG A 57 16.71 -3.46 5.99
C ARG A 57 16.37 -2.14 6.66
N LYS A 58 17.37 -1.40 7.15
CA LYS A 58 17.10 -0.16 7.84
C LYS A 58 16.42 0.85 6.94
N ASN A 59 16.91 1.01 5.71
CA ASN A 59 16.29 1.91 4.73
C ASN A 59 15.35 1.15 3.79
N LYS A 60 14.45 0.36 4.35
CA LYS A 60 13.47 -0.37 3.55
C LYS A 60 12.09 0.07 4.01
N VAL A 61 11.20 0.32 3.05
CA VAL A 61 9.86 0.80 3.36
C VAL A 61 9.15 -0.26 4.19
N ALA A 62 8.88 0.06 5.45
CA ALA A 62 8.14 -0.81 6.35
C ALA A 62 6.65 -0.57 6.32
N LEU A 63 6.21 0.68 6.23
CA LEU A 63 4.78 1.00 6.24
C LEU A 63 4.43 1.86 5.03
N TYR A 64 3.35 1.48 4.35
CA TYR A 64 2.77 2.19 3.21
C TYR A 64 1.38 2.65 3.63
N TYR A 65 1.27 3.84 4.21
CA TYR A 65 -0.03 4.31 4.69
C TYR A 65 -0.68 5.18 3.62
N LYS A 66 -1.90 4.80 3.22
CA LYS A 66 -2.68 5.60 2.28
C LYS A 66 -4.14 5.64 2.73
N ASP A 67 -4.77 6.79 2.58
CA ASP A 67 -6.19 6.93 2.85
C ASP A 67 -6.72 8.08 2.01
N ALA A 68 -7.94 8.54 2.34
CA ALA A 68 -8.55 9.61 1.58
C ALA A 68 -7.81 10.94 1.70
N LYS A 69 -6.97 11.11 2.73
CA LYS A 69 -6.28 12.37 2.94
C LYS A 69 -4.76 12.19 2.89
N ARG A 70 -4.22 11.20 3.60
CA ARG A 70 -2.79 11.03 3.75
C ARG A 70 -2.27 9.93 2.84
N ASP A 71 -1.02 10.06 2.43
CA ASP A 71 -0.31 9.04 1.65
C ASP A 71 1.09 8.84 2.21
N GLU A 72 1.20 8.76 3.52
CA GLU A 72 2.50 8.74 4.18
C GLU A 72 3.20 7.40 4.00
N LYS A 73 4.53 7.43 4.09
CA LYS A 73 5.38 6.26 3.95
C LYS A 73 6.36 6.22 5.10
N TYR A 74 6.53 5.05 5.70
CA TYR A 74 7.47 4.87 6.80
C TYR A 74 8.39 3.70 6.50
N THR A 75 9.65 3.84 6.90
CA THR A 75 10.62 2.75 6.80
C THR A 75 10.81 2.10 8.16
N PHE A 76 11.68 1.08 8.19
CA PHE A 76 11.90 0.34 9.43
C PHE A 76 12.53 1.22 10.50
N LYS A 77 13.47 2.08 10.11
CA LYS A 77 14.08 2.99 11.07
C LYS A 77 13.06 3.97 11.63
N GLU A 78 12.24 4.56 10.74
CA GLU A 78 11.22 5.51 11.20
C GLU A 78 10.15 4.81 12.02
N MET A 79 9.75 3.60 11.63
CA MET A 79 8.76 2.88 12.41
C MET A 79 9.31 2.51 13.78
N LYS A 80 10.59 2.12 13.85
CA LYS A 80 11.23 1.85 15.13
C LYS A 80 11.22 3.09 16.00
N GLU A 81 11.58 4.24 15.42
CA GLU A 81 11.60 5.47 16.20
C GLU A 81 10.22 5.83 16.71
N GLU A 82 9.19 5.67 15.88
CA GLU A 82 7.84 6.01 16.30
C GLU A 82 7.33 5.07 17.39
N SER A 83 7.58 3.76 17.25
CA SER A 83 7.17 2.81 18.28
C SER A 83 7.90 3.07 19.58
N ASN A 84 9.20 3.38 19.50
CA ASN A 84 9.95 3.69 20.71
C ASN A 84 9.41 4.94 21.39
N ARG A 85 9.05 5.96 20.60
CA ARG A 85 8.45 7.16 21.17
C ARG A 85 7.13 6.86 21.85
N ALA A 86 6.30 6.02 21.23
CA ALA A 86 5.03 5.65 21.83
C ALA A 86 5.23 4.91 23.14
N GLY A 87 6.19 3.97 23.17
CA GLY A 87 6.48 3.26 24.41
C GLY A 87 6.99 4.18 25.49
N ASN A 88 7.88 5.12 25.12
CA ASN A 88 8.37 6.10 26.08
C ASN A 88 7.23 6.91 26.67
N VAL A 89 6.31 7.38 25.83
CA VAL A 89 5.24 8.23 26.32
C VAL A 89 4.26 7.42 27.18
N LEU A 90 4.05 6.15 26.82
CA LEU A 90 3.17 5.30 27.62
C LEU A 90 3.77 5.05 28.99
N ARG A 91 5.08 4.79 29.05
CA ARG A 91 5.73 4.56 30.34
C ARG A 91 5.73 5.83 31.18
N ARG A 92 6.00 6.98 30.56
CA ARG A 92 6.16 8.21 31.34
C ARG A 92 4.82 8.76 31.82
N TYR A 93 3.80 8.76 30.95
CA TYR A 93 2.52 9.37 31.30
C TYR A 93 1.51 8.34 31.81
N GLY A 94 1.49 7.16 31.21
CA GLY A 94 0.53 6.16 31.60
C GLY A 94 0.85 5.39 32.87
N ASN A 95 2.02 5.63 33.46
CA ASN A 95 2.45 4.93 34.67
C ASN A 95 2.36 3.41 34.49
N VAL A 96 2.78 2.95 33.32
CA VAL A 96 2.66 1.54 32.94
C VAL A 96 3.95 0.82 33.28
N GLU A 97 3.81 -0.44 33.72
CA GLU A 97 4.97 -1.26 34.04
C GLU A 97 4.80 -2.67 33.46
N LYS A 98 5.71 -3.57 33.82
CA LYS A 98 5.69 -4.93 33.27
C LYS A 98 4.38 -5.64 33.59
N GLY A 99 3.83 -6.30 32.59
CA GLY A 99 2.62 -7.08 32.78
C GLY A 99 1.34 -6.29 32.88
N ASP A 100 1.40 -4.97 32.68
CA ASP A 100 0.20 -4.15 32.76
C ASP A 100 -0.66 -4.36 31.53
N ARG A 101 -1.76 -3.62 31.46
CA ARG A 101 -2.71 -3.70 30.36
C ARG A 101 -2.89 -2.31 29.76
N VAL A 102 -2.63 -2.19 28.46
CA VAL A 102 -2.83 -0.95 27.71
C VAL A 102 -3.76 -1.27 26.55
N PHE A 103 -4.83 -0.51 26.43
CA PHE A 103 -5.85 -0.78 25.43
C PHE A 103 -5.87 0.29 24.35
N ILE A 104 -6.26 -0.13 23.15
CA ILE A 104 -6.16 0.67 21.94
C ILE A 104 -7.57 0.92 21.44
N PHE A 105 -7.93 2.19 21.25
CA PHE A 105 -9.23 2.54 20.67
C PHE A 105 -8.96 3.54 19.55
N MET A 106 -8.60 3.03 18.37
CA MET A 106 -8.19 3.87 17.26
C MET A 106 -8.65 3.23 15.95
N PRO A 107 -8.88 4.04 14.91
CA PRO A 107 -9.04 3.48 13.57
C PRO A 107 -7.69 3.30 12.88
N ARG A 108 -7.68 2.73 11.68
CA ARG A 108 -6.43 2.48 10.97
C ARG A 108 -5.66 3.78 10.78
N SER A 109 -4.45 3.82 11.31
CA SER A 109 -3.57 4.98 11.21
C SER A 109 -2.18 4.55 11.69
N PRO A 110 -1.14 5.26 11.26
CA PRO A 110 0.21 4.91 11.75
C PRO A 110 0.34 4.98 13.26
N GLU A 111 -0.38 5.90 13.89
CA GLU A 111 -0.30 6.05 15.34
C GLU A 111 -0.79 4.80 16.06
N LEU A 112 -1.74 4.08 15.48
CA LEU A 112 -2.21 2.83 16.10
C LEU A 112 -1.07 1.84 16.24
N TYR A 113 -0.37 1.57 15.13
CA TYR A 113 0.73 0.62 15.15
C TYR A 113 1.86 1.11 16.04
N PHE A 114 2.14 2.42 15.99
CA PHE A 114 3.16 2.96 16.87
C PHE A 114 2.82 2.71 18.33
N ILE A 115 1.58 3.00 18.72
CA ILE A 115 1.16 2.83 20.11
C ILE A 115 1.26 1.39 20.53
N MET A 116 0.73 0.47 19.70
CA MET A 116 0.71 -0.93 20.11
C MET A 116 2.12 -1.50 20.20
N LEU A 117 2.98 -1.18 19.25
CA LEU A 117 4.36 -1.65 19.31
C LEU A 117 5.07 -1.09 20.53
N GLY A 118 4.84 0.19 20.84
CA GLY A 118 5.45 0.77 22.03
C GLY A 118 4.96 0.14 23.31
N ALA A 119 3.66 -0.17 23.37
CA ALA A 119 3.11 -0.82 24.56
C ALA A 119 3.69 -2.20 24.75
N ILE A 120 3.83 -2.96 23.65
CA ILE A 120 4.41 -4.30 23.75
C ILE A 120 5.90 -4.23 24.08
N LYS A 121 6.61 -3.23 23.57
CA LYS A 121 8.05 -3.13 23.80
C LYS A 121 8.37 -3.00 25.29
N ILE A 122 7.61 -2.18 26.01
CA ILE A 122 7.81 -2.03 27.45
C ILE A 122 7.22 -3.19 28.25
N GLY A 123 6.67 -4.20 27.57
CA GLY A 123 6.13 -5.36 28.23
C GLY A 123 4.68 -5.26 28.63
N ALA A 124 4.08 -4.08 28.50
CA ALA A 124 2.65 -3.94 28.77
C ALA A 124 1.85 -4.79 27.80
N ILE A 125 0.90 -5.54 28.33
CA ILE A 125 0.03 -6.35 27.50
C ILE A 125 -0.91 -5.43 26.73
N ALA A 126 -0.84 -5.49 25.41
CA ALA A 126 -1.62 -4.62 24.55
C ALA A 126 -2.92 -5.31 24.15
N GLY A 127 -4.02 -4.58 24.25
CA GLY A 127 -5.31 -5.07 23.83
C GLY A 127 -6.03 -4.08 22.94
N PRO A 128 -6.25 -4.44 21.69
CA PRO A 128 -6.94 -3.54 20.76
C PRO A 128 -8.45 -3.64 20.89
N LEU A 129 -9.11 -2.61 20.36
CA LEU A 129 -10.57 -2.51 20.38
C LEU A 129 -11.04 -1.95 19.06
N PHE A 130 -12.31 -2.17 18.75
CA PHE A 130 -12.90 -1.72 17.51
C PHE A 130 -13.90 -0.59 17.76
N GLU A 131 -13.93 0.38 16.86
CA GLU A 131 -14.73 1.58 17.07
C GLU A 131 -16.22 1.28 16.93
N ALA A 132 -16.58 0.24 16.18
CA ALA A 132 -17.98 -0.11 16.02
C ALA A 132 -18.62 -0.54 17.34
N PHE A 133 -17.83 -0.84 18.36
CA PHE A 133 -18.38 -1.21 19.66
C PHE A 133 -19.07 -0.02 20.31
N MET A 134 -20.18 -0.29 20.98
CA MET A 134 -20.88 0.74 21.73
C MET A 134 -20.14 1.03 23.02
N GLU A 135 -20.78 1.82 23.89
CA GLU A 135 -20.20 2.10 25.20
C GLU A 135 -20.17 0.84 26.05
N GLY A 136 -21.18 -0.03 25.91
CA GLY A 136 -21.26 -1.21 26.75
C GLY A 136 -20.11 -2.18 26.53
N ALA A 137 -19.79 -2.46 25.25
CA ALA A 137 -18.75 -3.43 24.94
C ALA A 137 -17.38 -2.95 25.43
N VAL A 138 -17.04 -1.70 25.14
CA VAL A 138 -15.75 -1.17 25.57
C VAL A 138 -15.67 -1.10 27.09
N LYS A 139 -16.76 -0.66 27.73
CA LYS A 139 -16.77 -0.60 29.19
C LYS A 139 -16.56 -1.97 29.79
N ASP A 140 -17.26 -2.98 29.28
CA ASP A 140 -17.10 -4.34 29.78
C ASP A 140 -15.68 -4.84 29.57
N ARG A 141 -15.08 -4.53 28.42
CA ARG A 141 -13.73 -5.00 28.14
C ARG A 141 -12.72 -4.37 29.09
N LEU A 142 -12.80 -3.06 29.33
CA LEU A 142 -11.86 -2.48 30.29
C LEU A 142 -12.15 -2.96 31.71
N GLU A 143 -13.42 -3.22 32.04
CA GLU A 143 -13.73 -3.72 33.38
C GLU A 143 -13.13 -5.10 33.61
N ASN A 144 -13.22 -5.98 32.60
CA ASN A 144 -12.62 -7.30 32.74
C ASN A 144 -11.09 -7.21 32.74
N SER A 145 -10.52 -6.34 31.90
CA SER A 145 -9.07 -6.25 31.80
C SER A 145 -8.45 -5.49 32.96
N GLU A 146 -9.18 -4.55 33.56
CA GLU A 146 -8.63 -3.63 34.57
C GLU A 146 -7.43 -2.87 34.00
N ALA A 147 -7.53 -2.47 32.74
CA ALA A 147 -6.43 -1.76 32.08
C ALA A 147 -6.26 -0.37 32.67
N LYS A 148 -5.01 0.01 32.88
CA LYS A 148 -4.71 1.34 33.40
C LYS A 148 -4.82 2.42 32.32
N VAL A 149 -4.50 2.07 31.06
CA VAL A 149 -4.41 3.04 29.99
C VAL A 149 -5.29 2.57 28.83
N VAL A 150 -6.03 3.50 28.23
CA VAL A 150 -6.71 3.26 26.97
C VAL A 150 -6.49 4.48 26.07
N VAL A 151 -5.94 4.25 24.88
CA VAL A 151 -5.71 5.32 23.92
C VAL A 151 -6.94 5.40 23.03
N THR A 152 -7.37 6.61 22.71
CA THR A 152 -8.63 6.80 21.98
C THR A 152 -8.50 7.96 21.01
N THR A 153 -9.56 8.16 20.23
CA THR A 153 -9.73 9.23 19.26
C THR A 153 -10.84 10.17 19.73
N PRO A 154 -10.76 11.46 19.40
CA PRO A 154 -11.77 12.41 19.90
C PRO A 154 -13.19 12.05 19.52
N GLU A 155 -13.39 11.44 18.34
CA GLU A 155 -14.73 11.02 17.95
C GLU A 155 -15.24 9.88 18.82
N LEU A 156 -14.37 9.23 19.60
CA LEU A 156 -14.77 8.12 20.44
C LEU A 156 -14.50 8.37 21.92
N LEU A 157 -14.03 9.57 22.29
CA LEU A 157 -13.81 9.88 23.71
C LEU A 157 -15.10 9.79 24.51
N GLU A 158 -16.24 10.11 23.89
CA GLU A 158 -17.52 10.11 24.57
C GLU A 158 -18.10 8.71 24.75
N ARG A 159 -17.48 7.69 24.17
CA ARG A 159 -18.01 6.33 24.20
C ARG A 159 -17.44 5.49 25.34
N ILE A 160 -16.53 6.04 26.14
CA ILE A 160 -15.89 5.31 27.22
C ILE A 160 -16.29 5.94 28.55
N PRO A 161 -16.87 5.18 29.48
CA PRO A 161 -17.24 5.75 30.78
C PRO A 161 -16.07 5.82 31.75
N VAL A 162 -15.28 6.89 31.67
CA VAL A 162 -14.11 7.03 32.51
C VAL A 162 -14.48 7.01 33.98
N ASP A 163 -15.56 7.70 34.35
CA ASP A 163 -15.98 7.74 35.75
C ASP A 163 -16.44 6.37 36.24
N LYS A 164 -17.08 5.58 35.38
CA LYS A 164 -17.59 4.28 35.79
C LYS A 164 -16.46 3.32 36.16
N LEU A 165 -15.38 3.32 35.38
CA LEU A 165 -14.34 2.33 35.57
C LEU A 165 -13.43 2.74 36.73
N PRO A 166 -13.33 1.95 37.80
CA PRO A 166 -12.45 2.32 38.92
C PRO A 166 -10.98 2.04 38.64
N HIS A 167 -10.70 0.92 37.98
CA HIS A 167 -9.33 0.52 37.71
C HIS A 167 -8.70 1.31 36.56
N LEU A 168 -9.51 1.87 35.67
CA LEU A 168 -8.96 2.71 34.61
C LEU A 168 -8.36 3.97 35.21
N GLN A 169 -7.12 4.26 34.82
CA GLN A 169 -6.38 5.39 35.38
C GLN A 169 -6.16 6.52 34.40
N HIS A 170 -5.69 6.21 33.18
CA HIS A 170 -5.38 7.24 32.20
C HIS A 170 -6.11 6.94 30.89
N VAL A 171 -6.58 8.00 30.24
CA VAL A 171 -7.19 7.90 28.92
C VAL A 171 -6.45 8.85 27.99
N PHE A 172 -5.88 8.29 26.92
CA PHE A 172 -5.16 9.06 25.92
C PHE A 172 -6.06 9.30 24.72
N VAL A 173 -6.01 10.53 24.20
CA VAL A 173 -6.73 10.89 22.99
C VAL A 173 -5.70 11.32 21.94
N VAL A 174 -6.01 11.01 20.67
CA VAL A 174 -5.07 11.18 19.58
C VAL A 174 -5.69 12.10 18.54
N GLY A 175 -5.06 13.26 18.32
CA GLY A 175 -5.54 14.20 17.33
C GLY A 175 -6.64 15.10 17.85
N GLY A 176 -7.08 16.00 16.99
CA GLY A 176 -8.17 16.89 17.33
C GLY A 176 -7.80 17.85 18.45
N GLU A 177 -8.83 18.42 19.07
CA GLU A 177 -8.69 19.31 20.21
C GLU A 177 -9.64 18.84 21.29
N ALA A 178 -9.18 17.91 22.13
CA ALA A 178 -9.97 17.37 23.22
C ALA A 178 -9.59 18.08 24.51
N GLU A 179 -10.59 18.45 25.30
CA GLU A 179 -10.36 19.16 26.56
C GLU A 179 -9.56 18.28 27.51
N SER A 180 -8.45 18.80 28.00
CA SER A 180 -7.55 18.05 28.89
C SER A 180 -8.18 17.97 30.27
N GLY A 181 -8.88 16.86 30.53
CA GLY A 181 -9.50 16.62 31.81
C GLY A 181 -8.53 16.02 32.81
N THR A 182 -9.09 15.57 33.94
CA THR A 182 -8.28 14.96 34.98
C THR A 182 -7.61 13.67 34.47
N ASN A 183 -8.36 12.87 33.70
CA ASN A 183 -7.85 11.60 33.19
C ASN A 183 -7.85 11.54 31.67
N ILE A 184 -7.78 12.69 31.00
CA ILE A 184 -7.80 12.76 29.54
C ILE A 184 -6.57 13.53 29.09
N ILE A 185 -5.57 12.82 28.58
CA ILE A 185 -4.33 13.41 28.08
C ILE A 185 -4.25 13.20 26.58
N ASN A 186 -3.93 14.27 25.85
CA ASN A 186 -3.82 14.20 24.39
C ASN A 186 -2.48 13.61 24.00
N TYR A 187 -2.49 12.69 23.03
CA TYR A 187 -1.28 12.03 22.59
C TYR A 187 -0.32 12.99 21.89
N ASP A 188 -0.81 13.75 20.91
CA ASP A 188 0.06 14.36 19.91
C ASP A 188 1.19 15.15 20.55
N GLU A 189 0.88 16.05 21.47
CA GLU A 189 1.93 16.79 22.16
C GLU A 189 2.81 15.86 22.98
N ALA A 190 2.19 14.89 23.67
CA ALA A 190 2.93 13.97 24.52
C ALA A 190 4.01 13.24 23.72
N ALA A 191 3.72 12.92 22.46
CA ALA A 191 4.77 12.43 21.57
C ALA A 191 5.69 13.56 21.12
N LYS A 192 5.15 14.78 21.00
CA LYS A 192 5.90 15.86 20.40
C LYS A 192 7.15 16.20 21.22
N GLN A 193 7.01 16.41 22.52
CA GLN A 193 8.24 16.75 23.24
C GLN A 193 8.99 15.52 23.72
N GLU A 194 8.36 14.34 23.72
CA GLU A 194 9.02 13.14 24.19
C GLU A 194 10.10 12.70 23.21
N SER A 195 11.19 12.16 23.76
CA SER A 195 12.31 11.70 22.94
C SER A 195 11.96 10.35 22.30
N THR A 196 12.91 9.80 21.56
CA THR A 196 12.70 8.56 20.80
C THR A 196 13.28 7.33 21.50
N ARG A 197 14.55 7.40 21.91
CA ARG A 197 15.26 6.21 22.37
C ARG A 197 14.53 5.55 23.53
N LEU A 198 14.34 4.24 23.41
CA LEU A 198 13.61 3.45 24.40
C LEU A 198 14.52 2.39 24.98
N ASP A 199 14.61 2.35 26.32
CA ASP A 199 15.31 1.28 27.02
C ASP A 199 14.34 0.11 27.13
N ILE A 200 14.42 -0.81 26.17
CA ILE A 200 13.46 -1.88 26.06
C ILE A 200 13.64 -2.86 27.20
N GLU A 201 12.53 -3.23 27.84
CA GLU A 201 12.56 -4.20 28.93
C GLU A 201 12.48 -5.60 28.35
N TRP A 202 13.36 -6.49 28.81
CA TRP A 202 13.48 -7.82 28.25
C TRP A 202 12.59 -8.79 29.01
N MET A 203 11.92 -9.67 28.27
CA MET A 203 10.90 -10.54 28.80
C MET A 203 11.36 -11.99 28.80
N ASP A 204 10.67 -12.81 29.60
CA ASP A 204 10.90 -14.24 29.65
C ASP A 204 10.22 -14.91 28.46
N LYS A 205 10.38 -16.22 28.36
CA LYS A 205 9.69 -16.98 27.33
C LYS A 205 8.19 -17.08 27.61
N LYS A 206 7.81 -17.09 28.88
CA LYS A 206 6.46 -17.46 29.28
C LYS A 206 5.65 -16.32 29.88
N ASP A 207 5.97 -15.08 29.56
CA ASP A 207 5.12 -13.98 29.97
C ASP A 207 4.43 -13.36 28.75
N GLY A 208 3.30 -12.71 29.00
CA GLY A 208 2.42 -12.28 27.94
C GLY A 208 2.77 -10.92 27.34
N PHE A 209 2.35 -10.74 26.09
CA PHE A 209 2.54 -9.47 25.39
C PHE A 209 1.32 -8.99 24.61
N LEU A 210 0.32 -9.82 24.37
CA LEU A 210 -0.86 -9.41 23.62
C LEU A 210 -2.12 -9.83 24.36
N LEU A 211 -3.07 -8.92 24.46
CA LEU A 211 -4.39 -9.21 25.00
C LEU A 211 -5.42 -8.98 23.90
N HIS A 212 -6.41 -9.87 23.81
CA HIS A 212 -7.42 -9.76 22.77
C HIS A 212 -8.74 -10.28 23.32
N TYR A 213 -9.78 -9.46 23.23
CA TYR A 213 -11.08 -9.81 23.74
C TYR A 213 -12.00 -10.22 22.60
N THR A 214 -12.56 -11.42 22.71
CA THR A 214 -13.45 -11.97 21.70
C THR A 214 -14.87 -12.03 22.25
N SER A 215 -15.84 -11.62 21.44
CA SER A 215 -17.24 -11.66 21.84
C SER A 215 -17.67 -13.12 21.96
N GLY A 216 -17.80 -13.60 23.20
CA GLY A 216 -18.11 -14.99 23.43
C GLY A 216 -19.59 -15.30 23.33
N SER A 217 -19.90 -16.60 23.37
CA SER A 217 -21.28 -17.05 23.31
C SER A 217 -22.07 -16.70 24.56
N THR A 218 -21.38 -16.49 25.70
CA THR A 218 -22.06 -16.15 26.94
C THR A 218 -22.46 -14.69 27.02
N GLY A 219 -22.04 -13.87 26.06
CA GLY A 219 -22.32 -12.45 26.07
C GLY A 219 -21.23 -11.59 26.66
N THR A 220 -20.32 -12.17 27.43
CA THR A 220 -19.19 -11.45 27.99
C THR A 220 -17.90 -11.86 27.29
N PRO A 221 -17.01 -10.91 27.01
CA PRO A 221 -15.77 -11.25 26.31
C PRO A 221 -14.73 -11.84 27.26
N LYS A 222 -13.75 -12.51 26.66
CA LYS A 222 -12.66 -13.13 27.39
C LYS A 222 -11.34 -12.62 26.84
N GLY A 223 -10.37 -12.43 27.74
CA GLY A 223 -9.09 -11.86 27.34
C GLY A 223 -8.01 -12.90 27.09
N VAL A 224 -7.74 -13.17 25.83
CA VAL A 224 -6.69 -14.12 25.45
C VAL A 224 -5.33 -13.43 25.57
N LEU A 225 -4.42 -14.06 26.31
CA LEU A 225 -3.09 -13.50 26.55
C LEU A 225 -2.04 -14.37 25.89
N HIS A 226 -1.43 -13.88 24.82
CA HIS A 226 -0.39 -14.62 24.12
C HIS A 226 0.97 -14.29 24.72
N VAL A 227 1.92 -15.21 24.54
CA VAL A 227 3.25 -15.08 25.10
C VAL A 227 4.21 -14.57 24.02
N HIS A 228 5.40 -14.15 24.46
CA HIS A 228 6.42 -13.72 23.52
C HIS A 228 6.96 -14.88 22.70
N GLU A 229 6.90 -16.10 23.23
CA GLU A 229 7.31 -17.28 22.48
C GLU A 229 6.55 -17.39 21.16
N ALA A 230 5.29 -16.93 21.14
CA ALA A 230 4.50 -16.96 19.92
C ALA A 230 5.24 -16.29 18.77
N MET A 231 6.02 -15.26 19.07
CA MET A 231 6.79 -14.56 18.05
C MET A 231 7.57 -15.53 17.18
N ILE A 232 8.20 -16.53 17.80
CA ILE A 232 8.93 -17.55 17.05
C ILE A 232 8.07 -18.05 15.90
N GLN A 233 6.92 -18.64 16.24
CA GLN A 233 6.05 -19.22 15.22
C GLN A 233 5.70 -18.17 14.18
N GLN A 234 5.37 -16.95 14.63
CA GLN A 234 4.98 -15.90 13.70
C GLN A 234 6.02 -15.76 12.60
N TYR A 235 7.28 -15.61 12.99
CA TYR A 235 8.35 -15.41 12.02
C TYR A 235 8.32 -16.52 10.98
N GLN A 236 8.28 -17.77 11.45
CA GLN A 236 8.35 -18.88 10.52
C GLN A 236 7.16 -18.87 9.58
N THR A 237 5.96 -18.57 10.10
CA THR A 237 4.82 -18.44 9.23
C THR A 237 5.02 -17.30 8.25
N GLY A 238 5.47 -16.15 8.76
CA GLY A 238 5.79 -15.03 7.89
C GLY A 238 6.91 -15.32 6.92
N LYS A 239 7.62 -16.44 7.11
CA LYS A 239 8.63 -16.88 6.17
C LYS A 239 8.06 -17.84 5.13
N TRP A 240 7.11 -18.69 5.50
CA TRP A 240 6.75 -19.83 4.67
C TRP A 240 5.42 -19.65 3.96
N VAL A 241 4.32 -19.45 4.70
CA VAL A 241 3.04 -19.27 4.06
C VAL A 241 2.94 -17.89 3.41
N LEU A 242 3.52 -16.88 4.04
CA LEU A 242 3.39 -15.53 3.55
C LEU A 242 4.33 -15.23 2.38
N ASP A 243 5.38 -16.03 2.20
CA ASP A 243 6.28 -15.93 1.05
C ASP A 243 6.88 -14.54 0.88
N LEU A 244 7.17 -13.89 2.01
CA LEU A 244 7.90 -12.62 1.98
C LEU A 244 9.35 -12.85 1.57
N LYS A 245 9.69 -12.40 0.37
CA LYS A 245 11.06 -12.31 -0.06
C LYS A 245 11.59 -10.93 0.34
N GLU A 246 12.76 -10.56 -0.16
CA GLU A 246 13.30 -9.25 0.17
C GLU A 246 12.71 -8.13 -0.67
N GLU A 247 11.98 -8.45 -1.73
CA GLU A 247 11.45 -7.44 -2.65
C GLU A 247 9.93 -7.42 -2.70
N ASP A 248 9.25 -8.01 -1.71
CA ASP A 248 7.80 -8.12 -1.77
C ASP A 248 7.14 -6.97 -1.01
N ILE A 249 6.04 -6.47 -1.58
CA ILE A 249 5.21 -5.44 -0.98
C ILE A 249 3.96 -6.12 -0.44
N TYR A 250 3.78 -6.10 0.87
CA TYR A 250 2.75 -6.87 1.53
C TYR A 250 1.66 -5.94 2.05
N TRP A 251 0.40 -6.25 1.75
CA TRP A 251 -0.73 -5.42 2.15
C TRP A 251 -1.71 -6.27 2.93
N CYS A 252 -1.89 -5.97 4.21
CA CYS A 252 -2.88 -6.61 5.05
C CYS A 252 -4.05 -5.65 5.24
N THR A 253 -5.25 -6.09 4.87
CA THR A 253 -6.43 -5.23 4.90
C THR A 253 -7.20 -5.30 6.21
N ALA A 254 -6.82 -6.19 7.13
CA ALA A 254 -7.54 -6.31 8.39
C ALA A 254 -7.23 -5.14 9.31
N ASP A 255 -8.20 -4.82 10.17
CA ASP A 255 -8.02 -3.75 11.14
C ASP A 255 -7.15 -4.21 12.29
N PRO A 256 -6.36 -3.30 12.88
CA PRO A 256 -5.56 -3.69 14.05
C PRO A 256 -6.38 -3.89 15.31
N GLY A 257 -7.65 -3.48 15.31
CA GLY A 257 -8.50 -3.73 16.45
C GLY A 257 -8.84 -5.20 16.62
N TRP A 258 -8.74 -5.97 15.55
CA TRP A 258 -8.95 -7.40 15.62
C TRP A 258 -7.62 -8.13 15.78
N VAL A 259 -7.70 -9.43 16.04
CA VAL A 259 -6.49 -10.23 16.24
C VAL A 259 -5.74 -10.41 14.93
N THR A 260 -6.46 -10.61 13.82
CA THR A 260 -5.81 -10.90 12.55
C THR A 260 -4.99 -9.73 12.06
N GLY A 261 -5.47 -8.51 12.27
CA GLY A 261 -4.69 -7.34 11.94
C GLY A 261 -3.66 -6.96 12.96
N THR A 262 -3.53 -7.76 14.03
CA THR A 262 -2.58 -7.49 15.10
C THR A 262 -1.31 -8.31 14.99
N VAL A 263 -1.37 -9.51 14.44
CA VAL A 263 -0.23 -10.43 14.40
C VAL A 263 0.30 -10.58 12.99
N TYR A 264 -0.58 -10.90 12.03
CA TYR A 264 -0.16 -11.05 10.64
C TYR A 264 -0.34 -9.79 9.82
N GLY A 265 -0.80 -8.70 10.43
CA GLY A 265 -0.80 -7.42 9.77
C GLY A 265 0.21 -6.50 10.40
N ILE A 266 0.77 -6.94 11.52
CA ILE A 266 1.77 -6.15 12.25
C ILE A 266 3.03 -6.96 12.46
N PHE A 267 2.93 -8.06 13.19
CA PHE A 267 4.12 -8.73 13.70
C PHE A 267 4.72 -9.70 12.69
N ALA A 268 3.91 -10.54 12.05
CA ALA A 268 4.45 -11.51 11.11
C ALA A 268 5.17 -10.85 9.93
N PRO A 269 4.60 -9.86 9.24
CA PRO A 269 5.35 -9.23 8.14
C PRO A 269 6.65 -8.59 8.57
N TRP A 270 6.68 -7.92 9.72
CA TRP A 270 7.87 -7.19 10.11
C TRP A 270 8.92 -8.06 10.80
N LEU A 271 8.52 -9.22 11.33
CA LEU A 271 9.52 -10.17 11.81
C LEU A 271 10.39 -10.69 10.68
N ASN A 272 9.88 -10.67 9.45
CA ASN A 272 10.65 -11.02 8.27
C ASN A 272 11.27 -9.80 7.58
N GLY A 273 11.02 -8.60 8.10
CA GLY A 273 11.54 -7.41 7.46
C GLY A 273 10.92 -7.09 6.12
N ALA A 274 9.59 -7.10 6.02
CA ALA A 274 8.89 -6.87 4.77
C ALA A 274 8.28 -5.46 4.73
N THR A 275 7.41 -5.22 3.77
CA THR A 275 6.78 -3.93 3.55
C THR A 275 5.27 -4.08 3.73
N ASN A 276 4.77 -3.67 4.88
CA ASN A 276 3.34 -3.65 5.16
C ASN A 276 2.67 -2.47 4.46
N VAL A 277 1.44 -2.68 4.00
CA VAL A 277 0.63 -1.64 3.38
C VAL A 277 -0.65 -1.52 4.19
N ILE A 278 -1.05 -0.29 4.50
CA ILE A 278 -2.26 0.00 5.27
C ILE A 278 -3.06 1.04 4.51
N VAL A 279 -4.33 0.73 4.25
CA VAL A 279 -5.23 1.60 3.52
C VAL A 279 -6.34 2.03 4.47
N GLY A 280 -6.28 3.30 4.89
CA GLY A 280 -7.28 3.85 5.79
C GLY A 280 -8.48 4.38 5.04
N GLY A 281 -9.34 5.07 5.78
CA GLY A 281 -10.53 5.63 5.19
C GLY A 281 -11.57 4.57 4.88
N ARG A 282 -12.63 5.02 4.20
CA ARG A 282 -13.72 4.13 3.85
C ARG A 282 -13.30 3.17 2.76
N PHE A 283 -13.93 1.99 2.75
CA PHE A 283 -13.74 1.06 1.65
C PHE A 283 -14.26 1.67 0.36
N SER A 284 -13.49 1.53 -0.71
CA SER A 284 -13.93 1.89 -2.05
C SER A 284 -13.07 1.15 -3.06
N PRO A 285 -13.70 0.37 -3.95
CA PRO A 285 -12.91 -0.45 -4.89
C PRO A 285 -11.97 0.36 -5.76
N GLU A 286 -12.34 1.59 -6.11
CA GLU A 286 -11.41 2.46 -6.82
C GLU A 286 -10.14 2.67 -6.00
N SER A 287 -10.29 2.97 -4.71
CA SER A 287 -9.13 3.22 -3.87
C SER A 287 -8.28 1.96 -3.70
N TRP A 288 -8.92 0.80 -3.51
CA TRP A 288 -8.16 -0.43 -3.33
C TRP A 288 -7.40 -0.83 -4.59
N TYR A 289 -8.08 -0.77 -5.74
CA TYR A 289 -7.42 -1.11 -7.00
C TYR A 289 -6.31 -0.12 -7.31
N GLY A 290 -6.53 1.17 -7.06
CA GLY A 290 -5.47 2.14 -7.26
C GLY A 290 -4.30 1.91 -6.34
N THR A 291 -4.57 1.51 -5.10
CA THR A 291 -3.51 1.16 -4.17
C THR A 291 -2.65 0.02 -4.72
N ILE A 292 -3.31 -1.06 -5.13
CA ILE A 292 -2.58 -2.21 -5.67
C ILE A 292 -1.79 -1.79 -6.91
N GLU A 293 -2.38 -0.93 -7.75
CA GLU A 293 -1.72 -0.55 -9.00
C GLU A 293 -0.48 0.30 -8.74
N GLN A 294 -0.66 1.48 -8.13
CA GLN A 294 0.48 2.40 -8.05
C GLN A 294 1.48 1.97 -6.98
N LEU A 295 1.03 1.29 -5.93
CA LEU A 295 1.97 0.78 -4.94
C LEU A 295 2.66 -0.50 -5.37
N GLY A 296 2.09 -1.23 -6.32
CA GLY A 296 2.67 -2.47 -6.78
C GLY A 296 2.68 -3.56 -5.72
N VAL A 297 1.53 -3.80 -5.10
CA VAL A 297 1.44 -4.80 -4.06
C VAL A 297 1.72 -6.18 -4.63
N ASN A 298 2.65 -6.90 -4.01
CA ASN A 298 3.03 -8.25 -4.44
C ASN A 298 2.36 -9.32 -3.60
N VAL A 299 2.40 -9.18 -2.28
CA VAL A 299 1.76 -10.10 -1.36
C VAL A 299 0.54 -9.42 -0.77
N TRP A 300 -0.59 -10.10 -0.83
CA TRP A 300 -1.88 -9.59 -0.37
C TRP A 300 -2.41 -10.50 0.72
N TYR A 301 -2.92 -9.92 1.81
CA TYR A 301 -3.55 -10.66 2.89
C TYR A 301 -4.87 -9.97 3.19
N SER A 302 -5.96 -10.54 2.69
CA SER A 302 -7.28 -9.94 2.90
C SER A 302 -8.28 -10.98 3.36
N ALA A 303 -9.55 -10.63 3.35
CA ALA A 303 -10.61 -11.50 3.82
C ALA A 303 -11.63 -11.74 2.73
N PRO A 304 -12.34 -12.87 2.77
CA PRO A 304 -13.31 -13.15 1.70
C PRO A 304 -14.42 -12.11 1.58
N THR A 305 -14.76 -11.42 2.67
CA THR A 305 -15.78 -10.37 2.58
C THR A 305 -15.31 -9.23 1.70
N ALA A 306 -14.09 -8.74 1.93
CA ALA A 306 -13.55 -7.65 1.11
C ALA A 306 -13.40 -8.07 -0.33
N PHE A 307 -12.92 -9.29 -0.58
CA PHE A 307 -12.82 -9.78 -1.94
C PHE A 307 -14.18 -9.85 -2.61
N ARG A 308 -15.20 -10.33 -1.88
CA ARG A 308 -16.55 -10.44 -2.44
C ARG A 308 -17.10 -9.05 -2.79
N MET A 309 -16.84 -8.06 -1.94
CA MET A 309 -17.24 -6.70 -2.27
C MET A 309 -16.49 -6.17 -3.50
N LEU A 310 -15.21 -6.55 -3.64
CA LEU A 310 -14.47 -6.15 -4.83
C LEU A 310 -15.05 -6.77 -6.09
N MET A 311 -15.46 -8.04 -6.04
CA MET A 311 -16.16 -8.63 -7.18
C MET A 311 -17.49 -7.95 -7.42
N GLY A 312 -18.20 -7.59 -6.35
CA GLY A 312 -19.44 -6.85 -6.52
C GLY A 312 -19.25 -5.52 -7.19
N ALA A 313 -18.05 -4.94 -7.07
CA ALA A 313 -17.75 -3.70 -7.78
C ALA A 313 -17.81 -3.90 -9.29
N GLY A 314 -17.21 -4.98 -9.79
CA GLY A 314 -17.13 -5.21 -11.21
C GLY A 314 -15.70 -5.39 -11.71
N ASP A 315 -15.48 -6.37 -12.58
CA ASP A 315 -14.12 -6.67 -13.02
C ASP A 315 -13.61 -5.63 -14.01
N GLU A 316 -14.51 -4.85 -14.62
CA GLU A 316 -14.07 -3.78 -15.50
C GLU A 316 -13.31 -2.70 -14.74
N MET A 317 -13.74 -2.39 -13.52
CA MET A 317 -13.01 -1.43 -12.71
C MET A 317 -11.63 -1.94 -12.36
N ALA A 318 -11.49 -3.25 -12.15
CA ALA A 318 -10.16 -3.84 -12.02
C ALA A 318 -9.36 -3.71 -13.30
N ALA A 319 -10.00 -3.92 -14.45
CA ALA A 319 -9.32 -3.78 -15.73
C ALA A 319 -8.88 -2.35 -16.00
N LYS A 320 -9.50 -1.36 -15.33
CA LYS A 320 -9.05 0.01 -15.47
C LYS A 320 -7.68 0.26 -14.85
N TYR A 321 -7.16 -0.67 -14.06
CA TYR A 321 -5.87 -0.53 -13.40
C TYR A 321 -4.95 -1.68 -13.76
N ASP A 322 -3.68 -1.51 -13.39
CA ASP A 322 -2.65 -2.52 -13.63
C ASP A 322 -2.47 -3.37 -12.37
N LEU A 323 -2.84 -4.65 -12.45
CA LEU A 323 -2.78 -5.55 -11.31
C LEU A 323 -1.80 -6.70 -11.54
N THR A 324 -0.91 -6.57 -12.53
CA THR A 324 0.04 -7.64 -12.83
C THR A 324 1.20 -7.69 -11.84
N SER A 325 1.35 -6.68 -10.98
CA SER A 325 2.42 -6.66 -10.01
C SER A 325 2.18 -7.61 -8.83
N LEU A 326 0.99 -8.19 -8.72
CA LEU A 326 0.72 -9.12 -7.65
C LEU A 326 1.49 -10.42 -7.86
N ARG A 327 1.89 -11.04 -6.76
CA ARG A 327 2.70 -12.25 -6.77
C ARG A 327 2.11 -13.37 -5.92
N HIS A 328 1.42 -13.04 -4.84
CA HIS A 328 1.04 -13.98 -3.80
C HIS A 328 -0.16 -13.42 -3.06
N VAL A 329 -1.26 -14.18 -2.99
CA VAL A 329 -2.50 -13.72 -2.40
C VAL A 329 -2.93 -14.70 -1.32
N LEU A 330 -3.51 -14.17 -0.24
CA LEU A 330 -3.91 -14.97 0.92
C LEU A 330 -5.19 -14.39 1.52
N SER A 331 -6.02 -15.27 2.06
CA SER A 331 -7.29 -14.90 2.66
C SER A 331 -7.42 -15.49 4.05
N VAL A 332 -7.93 -14.68 4.98
CA VAL A 332 -8.12 -15.07 6.37
C VAL A 332 -9.49 -14.60 6.83
N GLY A 333 -9.96 -15.21 7.92
CA GLY A 333 -11.17 -14.79 8.58
C GLY A 333 -12.40 -15.62 8.25
N GLU A 334 -12.37 -16.39 7.17
CA GLU A 334 -13.50 -17.21 6.78
C GLU A 334 -13.04 -18.20 5.72
N PRO A 335 -13.59 -19.40 5.67
CA PRO A 335 -13.23 -20.34 4.59
C PRO A 335 -13.42 -19.71 3.23
N LEU A 336 -12.33 -19.64 2.47
CA LEU A 336 -12.36 -19.02 1.16
C LEU A 336 -13.32 -19.74 0.23
N ASN A 337 -14.05 -18.97 -0.55
CA ASN A 337 -14.90 -19.60 -1.55
C ASN A 337 -14.08 -19.91 -2.80
N PRO A 338 -14.36 -21.02 -3.47
CA PRO A 338 -13.71 -21.27 -4.77
C PRO A 338 -14.03 -20.21 -5.81
N GLU A 339 -15.21 -19.59 -5.73
CA GLU A 339 -15.55 -18.54 -6.68
C GLU A 339 -14.63 -17.33 -6.53
N VAL A 340 -14.32 -16.95 -5.30
CA VAL A 340 -13.36 -15.88 -5.08
C VAL A 340 -11.99 -16.26 -5.62
N ILE A 341 -11.62 -17.54 -5.48
CA ILE A 341 -10.36 -18.03 -6.01
C ILE A 341 -10.32 -17.87 -7.52
N ARG A 342 -11.38 -18.29 -8.20
CA ARG A 342 -11.43 -18.19 -9.66
C ARG A 342 -11.40 -16.73 -10.10
N TRP A 343 -12.12 -15.86 -9.40
CA TRP A 343 -12.12 -14.44 -9.76
C TRP A 343 -10.74 -13.83 -9.57
N GLY A 344 -10.06 -14.18 -8.47
CA GLY A 344 -8.72 -13.65 -8.24
C GLY A 344 -7.73 -14.13 -9.28
N HIS A 345 -7.82 -15.41 -9.66
CA HIS A 345 -6.94 -15.92 -10.71
C HIS A 345 -7.24 -15.27 -12.05
N LYS A 346 -8.52 -15.02 -12.34
CA LYS A 346 -8.89 -14.40 -13.61
C LYS A 346 -8.40 -12.95 -13.68
N VAL A 347 -8.49 -12.21 -12.57
CA VAL A 347 -8.19 -10.79 -12.59
C VAL A 347 -6.71 -10.54 -12.38
N PHE A 348 -6.17 -10.99 -11.24
CA PHE A 348 -4.78 -10.73 -10.90
C PHE A 348 -3.80 -11.71 -11.52
N ASN A 349 -4.29 -12.82 -12.09
CA ASN A 349 -3.45 -13.91 -12.57
C ASN A 349 -2.59 -14.50 -11.46
N LYS A 350 -3.10 -14.47 -10.24
CA LYS A 350 -2.40 -14.99 -9.08
C LYS A 350 -3.36 -15.83 -8.24
N ARG A 351 -2.81 -16.74 -7.46
CA ARG A 351 -3.62 -17.62 -6.62
C ARG A 351 -3.74 -17.06 -5.21
N ILE A 352 -4.88 -17.34 -4.59
CA ILE A 352 -5.16 -16.96 -3.21
C ILE A 352 -5.03 -18.19 -2.33
N HIS A 353 -4.56 -17.99 -1.11
CA HIS A 353 -4.35 -19.09 -0.17
C HIS A 353 -5.02 -18.80 1.17
N ASP A 354 -6.00 -19.63 1.51
CA ASP A 354 -6.72 -19.52 2.77
C ASP A 354 -5.82 -19.95 3.92
N THR A 355 -5.80 -19.15 4.99
CA THR A 355 -5.02 -19.45 6.18
C THR A 355 -5.97 -19.49 7.38
N TRP A 356 -5.78 -20.50 8.23
CA TRP A 356 -6.64 -20.70 9.38
C TRP A 356 -5.89 -20.41 10.68
N TRP A 357 -6.56 -19.67 11.57
CA TRP A 357 -6.18 -19.50 12.96
C TRP A 357 -7.23 -18.61 13.61
N MET A 358 -7.19 -18.56 14.94
CA MET A 358 -8.11 -17.72 15.70
C MET A 358 -7.36 -17.08 16.86
N THR A 359 -8.10 -16.36 17.70
CA THR A 359 -7.49 -15.62 18.80
C THR A 359 -6.82 -16.55 19.80
N GLU A 360 -7.48 -17.66 20.15
CA GLU A 360 -6.90 -18.62 21.08
C GLU A 360 -5.73 -19.38 20.48
N THR A 361 -5.50 -19.25 19.17
CA THR A 361 -4.42 -19.95 18.49
C THR A 361 -3.11 -19.16 18.49
N GLY A 362 -3.18 -17.85 18.39
CA GLY A 362 -1.97 -17.03 18.41
C GLY A 362 -1.36 -16.69 17.08
N SER A 363 -1.18 -17.67 16.21
CA SER A 363 -0.67 -17.45 14.87
C SER A 363 -1.01 -18.67 14.03
N GLN A 364 -1.03 -18.47 12.71
CA GLN A 364 -1.67 -19.44 11.84
C GLN A 364 -0.96 -20.78 11.87
N LEU A 365 -1.75 -21.85 11.81
CA LEU A 365 -1.26 -23.22 11.91
C LEU A 365 -1.45 -23.99 10.61
N ILE A 366 -2.66 -24.05 10.09
CA ILE A 366 -3.01 -24.85 8.93
C ILE A 366 -3.21 -23.90 7.75
N CYS A 367 -2.30 -23.96 6.78
CA CYS A 367 -2.24 -22.95 5.74
C CYS A 367 -2.00 -23.59 4.37
N ASN A 368 -2.64 -23.01 3.36
CA ASN A 368 -2.31 -23.35 1.98
C ASN A 368 -0.92 -22.83 1.64
N TYR A 369 -0.16 -23.63 0.89
CA TYR A 369 1.24 -23.29 0.74
C TYR A 369 1.62 -23.05 -0.71
N PRO A 370 2.36 -21.97 -0.99
CA PRO A 370 2.75 -21.68 -2.37
C PRO A 370 3.65 -22.73 -2.99
N CYS A 371 4.32 -23.55 -2.17
CA CYS A 371 5.23 -24.56 -2.65
C CYS A 371 4.55 -25.91 -2.85
N MET A 372 3.24 -25.98 -2.67
CA MET A 372 2.50 -27.22 -2.87
C MET A 372 1.21 -26.90 -3.62
N ASP A 373 0.62 -27.94 -4.21
CA ASP A 373 -0.63 -27.79 -4.93
C ASP A 373 -1.72 -27.25 -3.99
N ILE A 374 -2.45 -26.25 -4.47
CA ILE A 374 -3.44 -25.55 -3.66
C ILE A 374 -4.82 -26.12 -3.97
N LYS A 375 -5.49 -26.61 -2.94
CA LYS A 375 -6.90 -26.94 -3.05
C LYS A 375 -7.70 -25.75 -2.55
N PRO A 376 -8.46 -25.06 -3.42
CA PRO A 376 -9.08 -23.80 -2.99
C PRO A 376 -10.03 -23.94 -1.81
N GLY A 377 -10.75 -25.06 -1.72
CA GLY A 377 -11.67 -25.27 -0.61
C GLY A 377 -11.03 -25.71 0.68
N SER A 378 -9.72 -25.90 0.69
CA SER A 378 -8.99 -26.37 1.87
C SER A 378 -8.14 -25.25 2.44
N MET A 379 -8.02 -25.23 3.77
CA MET A 379 -7.13 -24.26 4.42
C MET A 379 -5.67 -24.59 4.12
N GLY A 380 -5.32 -25.86 4.13
CA GLY A 380 -3.96 -26.27 3.85
C GLY A 380 -3.45 -27.36 4.77
N LYS A 381 -2.16 -27.32 5.09
CA LYS A 381 -1.53 -28.28 5.96
C LYS A 381 -0.88 -27.56 7.14
N PRO A 382 -0.71 -28.25 8.27
CA PRO A 382 -0.08 -27.60 9.42
C PRO A 382 1.35 -27.20 9.11
N ILE A 383 1.82 -26.13 9.75
CA ILE A 383 3.22 -25.72 9.56
C ILE A 383 4.10 -26.77 10.24
N PRO A 384 5.33 -26.95 9.74
CA PRO A 384 6.24 -27.94 10.33
C PRO A 384 6.51 -27.69 11.81
N GLY A 385 6.74 -28.76 12.59
CA GLY A 385 6.96 -28.62 14.01
C GLY A 385 5.69 -28.46 14.83
N VAL A 386 4.54 -28.29 14.18
CA VAL A 386 3.25 -28.18 14.84
C VAL A 386 2.42 -29.38 14.43
N GLU A 387 1.97 -30.15 15.41
CA GLU A 387 1.20 -31.36 15.17
C GLU A 387 -0.28 -31.04 15.34
N ALA A 388 -0.95 -30.74 14.24
CA ALA A 388 -2.39 -30.53 14.23
C ALA A 388 -3.09 -31.80 13.79
N ALA A 389 -4.28 -32.03 14.33
CA ALA A 389 -5.01 -33.26 14.01
C ALA A 389 -6.48 -33.05 14.32
N ILE A 390 -7.23 -34.16 14.25
CA ILE A 390 -8.67 -34.18 14.47
C ILE A 390 -8.94 -35.12 15.64
N VAL A 391 -9.72 -34.65 16.61
CA VAL A 391 -10.03 -35.44 17.79
C VAL A 391 -11.54 -35.46 18.00
N ASP A 392 -11.98 -36.47 18.74
CA ASP A 392 -13.36 -36.60 19.18
C ASP A 392 -13.51 -35.96 20.56
N ASN A 393 -14.65 -36.21 21.21
CA ASN A 393 -14.86 -35.67 22.55
C ASN A 393 -14.02 -36.37 23.61
N GLN A 394 -13.38 -37.49 23.27
CA GLN A 394 -12.54 -38.21 24.21
C GLN A 394 -11.05 -37.92 24.02
N GLY A 395 -10.68 -37.13 23.02
CA GLY A 395 -9.28 -36.83 22.76
C GLY A 395 -8.55 -37.83 21.90
N ASN A 396 -9.23 -38.87 21.42
CA ASN A 396 -8.59 -39.87 20.59
C ASN A 396 -8.53 -39.40 19.14
N GLU A 397 -7.44 -39.74 18.47
CA GLU A 397 -7.27 -39.35 17.07
C GLU A 397 -8.19 -40.15 16.17
N LEU A 398 -8.51 -39.59 15.01
CA LEU A 398 -9.47 -40.18 14.11
C LEU A 398 -8.92 -40.24 12.70
N PRO A 399 -9.21 -41.31 11.96
CA PRO A 399 -8.74 -41.40 10.57
C PRO A 399 -9.40 -40.35 9.70
N PRO A 400 -8.78 -39.99 8.58
CA PRO A 400 -9.27 -38.86 7.78
C PRO A 400 -10.64 -39.12 7.18
N TYR A 401 -11.17 -38.07 6.55
CA TYR A 401 -12.47 -38.10 5.86
C TYR A 401 -13.62 -38.41 6.81
N ARG A 402 -13.69 -37.72 7.94
CA ARG A 402 -14.79 -37.85 8.89
C ARG A 402 -14.87 -36.60 9.74
N MET A 403 -16.09 -36.21 10.10
CA MET A 403 -16.30 -35.04 10.93
C MET A 403 -15.57 -35.18 12.27
N GLY A 404 -15.10 -34.05 12.79
CA GLY A 404 -14.48 -34.07 14.10
C GLY A 404 -14.04 -32.69 14.52
N ASN A 405 -13.58 -32.61 15.77
CA ASN A 405 -13.18 -31.34 16.35
C ASN A 405 -11.69 -31.17 16.14
N LEU A 406 -11.30 -30.08 15.50
CA LEU A 406 -9.89 -29.86 15.18
C LEU A 406 -9.13 -29.52 16.46
N ALA A 407 -8.05 -30.25 16.71
CA ALA A 407 -7.22 -30.03 17.89
C ALA A 407 -5.77 -29.89 17.48
N ILE A 408 -5.00 -29.26 18.36
CA ILE A 408 -3.58 -28.99 18.12
C ILE A 408 -2.78 -29.62 19.25
N LYS A 409 -1.69 -30.29 18.91
CA LYS A 409 -0.83 -30.86 19.94
C LYS A 409 -0.19 -29.72 20.75
N LYS A 410 -0.55 -29.62 22.01
CA LYS A 410 -0.05 -28.55 22.86
C LYS A 410 1.47 -28.61 22.96
N GLY A 411 2.10 -27.46 22.78
CA GLY A 411 3.55 -27.36 22.88
C GLY A 411 4.16 -26.38 21.88
N TRP A 412 3.32 -25.90 20.98
CA TRP A 412 3.77 -24.96 19.98
C TRP A 412 3.99 -23.55 20.56
N PRO A 413 4.98 -22.78 20.05
CA PRO A 413 5.29 -21.50 20.71
C PRO A 413 4.12 -20.52 20.75
N SER A 414 3.19 -20.61 19.80
CA SER A 414 2.09 -19.64 19.70
C SER A 414 0.89 -20.14 20.48
N MET A 415 0.85 -19.79 21.76
CA MET A 415 -0.28 -20.13 22.61
C MET A 415 -0.73 -18.93 23.43
N MET A 416 -1.95 -19.04 23.93
CA MET A 416 -2.43 -18.15 24.97
C MET A 416 -1.76 -18.53 26.29
N HIS A 417 -1.19 -17.53 26.98
CA HIS A 417 -0.64 -17.79 28.30
C HIS A 417 -1.75 -17.91 29.34
N THR A 418 -2.91 -17.33 29.06
CA THR A 418 -4.07 -17.42 29.95
C THR A 418 -5.27 -16.79 29.27
N ILE A 419 -6.44 -17.06 29.84
CA ILE A 419 -7.62 -16.21 29.69
C ILE A 419 -7.63 -15.28 30.88
N TRP A 420 -7.56 -13.98 30.63
CA TRP A 420 -7.21 -13.04 31.68
C TRP A 420 -8.19 -13.12 32.85
N ASN A 421 -7.64 -13.47 34.03
CA ASN A 421 -8.41 -13.62 35.25
C ASN A 421 -9.52 -14.66 35.08
N ASN A 422 -9.18 -15.79 34.45
CA ASN A 422 -10.17 -16.85 34.26
C ASN A 422 -9.49 -18.18 33.96
N PRO A 423 -8.82 -18.80 34.94
CA PRO A 423 -8.20 -20.11 34.69
C PRO A 423 -9.19 -21.22 34.38
N GLU A 424 -10.47 -21.05 34.76
CA GLU A 424 -11.46 -22.05 34.42
C GLU A 424 -11.66 -22.14 32.90
N LYS A 425 -11.73 -20.98 32.24
CA LYS A 425 -11.86 -20.98 30.79
C LYS A 425 -10.57 -21.44 30.13
N TYR A 426 -9.42 -21.19 30.78
CA TYR A 426 -8.19 -21.88 30.40
C TYR A 426 -8.41 -23.38 30.32
N GLU A 427 -8.73 -24.01 31.45
CA GLU A 427 -8.72 -25.47 31.50
C GLU A 427 -9.85 -26.07 30.69
N SER A 428 -10.90 -25.29 30.42
CA SER A 428 -11.95 -25.77 29.52
C SER A 428 -11.48 -25.82 28.07
N TYR A 429 -10.47 -25.02 27.70
CA TYR A 429 -10.01 -24.98 26.32
C TYR A 429 -9.18 -26.20 25.93
N PHE A 430 -8.44 -26.77 26.87
CA PHE A 430 -7.56 -27.90 26.59
C PHE A 430 -8.23 -29.21 26.97
N MET A 431 -7.89 -30.27 26.24
CA MET A 431 -8.48 -31.58 26.42
C MET A 431 -7.47 -32.55 27.00
N PRO A 432 -7.94 -33.63 27.64
CA PRO A 432 -7.01 -34.67 28.10
C PRO A 432 -6.22 -35.25 26.94
N GLY A 433 -4.95 -35.53 27.18
CA GLY A 433 -4.04 -35.98 26.15
C GLY A 433 -3.18 -34.90 25.52
N GLY A 434 -3.20 -33.68 26.07
CA GLY A 434 -2.38 -32.62 25.54
C GLY A 434 -2.89 -32.01 24.25
N TRP A 435 -4.17 -32.17 23.94
CA TRP A 435 -4.76 -31.66 22.71
C TRP A 435 -5.52 -30.37 23.02
N TYR A 436 -4.94 -29.23 22.67
CA TYR A 436 -5.67 -27.98 22.73
C TYR A 436 -6.83 -28.01 21.75
N VAL A 437 -8.00 -27.55 22.19
CA VAL A 437 -9.21 -27.56 21.38
C VAL A 437 -9.59 -26.12 21.06
N SER A 438 -9.75 -25.83 19.78
CA SER A 438 -10.08 -24.48 19.32
C SER A 438 -11.58 -24.27 19.11
N GLY A 439 -12.39 -25.31 19.25
CA GLY A 439 -13.83 -25.19 19.10
C GLY A 439 -14.35 -25.22 17.68
N ASP A 440 -13.48 -25.36 16.69
CA ASP A 440 -13.89 -25.39 15.29
C ASP A 440 -14.00 -26.82 14.81
N SER A 441 -14.81 -27.02 13.78
CA SER A 441 -14.98 -28.32 13.14
C SER A 441 -14.12 -28.37 11.88
N ALA A 442 -13.30 -29.41 11.77
CA ALA A 442 -12.43 -29.59 10.61
C ALA A 442 -12.06 -31.07 10.51
N TYR A 443 -11.42 -31.42 9.40
CA TYR A 443 -10.97 -32.79 9.16
C TYR A 443 -9.85 -32.75 8.13
N MET A 444 -9.05 -33.81 8.10
CA MET A 444 -7.97 -33.91 7.13
C MET A 444 -8.36 -34.90 6.02
N ASP A 445 -7.53 -34.93 4.98
CA ASP A 445 -7.68 -35.84 3.88
C ASP A 445 -6.47 -36.78 3.84
N GLU A 446 -6.42 -37.62 2.80
CA GLU A 446 -5.32 -38.57 2.67
C GLU A 446 -3.99 -37.86 2.49
N GLU A 447 -3.96 -36.80 1.68
CA GLU A 447 -2.72 -36.07 1.44
C GLU A 447 -2.22 -35.42 2.72
N GLY A 448 -3.12 -34.83 3.51
CA GLY A 448 -2.72 -34.17 4.73
C GLY A 448 -3.31 -32.77 4.85
N TYR A 449 -4.00 -32.33 3.81
CA TYR A 449 -4.70 -31.05 3.86
C TYR A 449 -5.91 -31.16 4.79
N PHE A 450 -6.44 -30.00 5.17
CA PHE A 450 -7.54 -29.92 6.11
C PHE A 450 -8.75 -29.21 5.50
N TRP A 451 -9.94 -29.72 5.79
CA TRP A 451 -11.19 -29.17 5.28
C TRP A 451 -12.11 -28.83 6.44
N PHE A 452 -12.77 -27.67 6.36
CA PHE A 452 -13.77 -27.28 7.35
C PHE A 452 -14.96 -28.23 7.35
N VAL A 467 -23.84 -21.57 -2.72
CA VAL A 467 -25.20 -21.88 -3.15
C VAL A 467 -26.01 -20.59 -3.31
N GLY A 468 -26.53 -20.39 -4.51
CA GLY A 468 -27.35 -19.23 -4.79
C GLY A 468 -28.82 -19.47 -4.51
N PRO A 469 -29.39 -18.69 -3.60
CA PRO A 469 -30.82 -18.85 -3.30
C PRO A 469 -31.73 -18.57 -4.49
N PHE A 470 -31.30 -17.73 -5.43
CA PHE A 470 -32.18 -17.30 -6.50
C PHE A 470 -32.53 -18.43 -7.47
N GLU A 471 -31.59 -19.33 -7.75
CA GLU A 471 -31.89 -20.41 -8.68
C GLU A 471 -32.92 -21.38 -8.12
N VAL A 472 -32.92 -21.59 -6.81
CA VAL A 472 -34.04 -22.29 -6.19
C VAL A 472 -35.29 -21.41 -6.19
N GLU A 473 -35.11 -20.11 -5.88
CA GLU A 473 -36.25 -19.21 -5.82
C GLU A 473 -36.94 -19.08 -7.17
N SER A 474 -36.15 -18.92 -8.24
CA SER A 474 -36.73 -18.86 -9.58
C SER A 474 -37.39 -20.18 -9.95
N LYS A 475 -36.83 -21.30 -9.49
CA LYS A 475 -37.44 -22.60 -9.73
C LYS A 475 -38.79 -22.71 -9.03
N LEU A 476 -38.90 -22.14 -7.83
CA LEU A 476 -40.13 -22.27 -7.05
C LEU A 476 -41.33 -21.63 -7.76
N VAL A 477 -41.13 -20.45 -8.35
CA VAL A 477 -42.24 -19.70 -8.93
C VAL A 477 -42.89 -20.45 -10.08
N GLU A 478 -42.19 -21.40 -10.70
CA GLU A 478 -42.75 -22.13 -11.83
C GLU A 478 -43.94 -23.00 -11.43
N HIS A 479 -44.14 -23.27 -10.15
CA HIS A 479 -45.35 -23.96 -9.72
C HIS A 479 -46.57 -23.07 -9.95
N PRO A 480 -47.72 -23.65 -10.27
CA PRO A 480 -48.96 -22.86 -10.36
C PRO A 480 -49.62 -22.61 -9.01
N ALA A 481 -49.00 -23.05 -7.92
CA ALA A 481 -49.60 -22.94 -6.59
C ALA A 481 -48.93 -21.91 -5.70
N ILE A 482 -47.76 -21.41 -6.08
CA ILE A 482 -46.98 -20.49 -5.26
C ILE A 482 -46.67 -19.24 -6.07
N ALA A 483 -46.82 -18.08 -5.42
CA ALA A 483 -46.49 -16.81 -6.06
C ALA A 483 -45.08 -16.34 -5.72
N GLU A 484 -44.63 -16.57 -4.49
CA GLU A 484 -43.31 -16.13 -4.06
C GLU A 484 -42.88 -16.94 -2.86
N ALA A 485 -41.57 -16.96 -2.61
CA ALA A 485 -41.01 -17.73 -1.50
C ALA A 485 -39.68 -17.11 -1.08
N GLY A 486 -39.07 -17.68 -0.05
CA GLY A 486 -37.77 -17.27 0.43
C GLY A 486 -36.95 -18.46 0.89
N VAL A 487 -35.70 -18.53 0.45
CA VAL A 487 -34.84 -19.68 0.69
C VAL A 487 -33.60 -19.25 1.47
N ILE A 488 -33.30 -19.94 2.56
CA ILE A 488 -32.12 -19.67 3.37
C ILE A 488 -31.38 -20.98 3.59
N GLY A 489 -30.12 -20.85 4.00
CA GLY A 489 -29.30 -22.02 4.28
C GLY A 489 -29.21 -22.32 5.77
N LYS A 490 -29.95 -23.32 6.22
CA LYS A 490 -29.91 -23.73 7.62
C LYS A 490 -28.64 -24.53 7.89
N PRO A 491 -27.85 -24.17 8.90
CA PRO A 491 -26.61 -24.90 9.17
C PRO A 491 -26.86 -26.37 9.48
N ASP A 492 -25.95 -27.22 9.02
CA ASP A 492 -26.05 -28.66 9.20
C ASP A 492 -24.70 -29.21 9.66
N PRO A 493 -24.69 -30.19 10.56
CA PRO A 493 -23.41 -30.75 11.00
C PRO A 493 -22.83 -31.77 10.02
N VAL A 494 -23.64 -32.31 9.12
CA VAL A 494 -23.19 -33.32 8.17
C VAL A 494 -22.90 -32.72 6.81
N ARG A 495 -23.83 -31.97 6.26
CA ARG A 495 -23.70 -31.38 4.93
C ARG A 495 -23.31 -29.90 4.98
N GLY A 496 -22.93 -29.39 6.14
CA GLY A 496 -22.60 -27.99 6.27
C GLY A 496 -23.83 -27.12 6.42
N GLU A 497 -24.64 -27.05 5.36
CA GLU A 497 -25.89 -26.30 5.39
C GLU A 497 -26.95 -27.07 4.63
N ILE A 498 -28.20 -26.96 5.08
CA ILE A 498 -29.35 -27.56 4.41
C ILE A 498 -30.26 -26.44 3.93
N ILE A 499 -30.91 -26.68 2.80
CA ILE A 499 -31.75 -25.68 2.16
C ILE A 499 -33.14 -25.71 2.80
N LYS A 500 -33.56 -24.57 3.33
CA LYS A 500 -34.90 -24.40 3.90
C LYS A 500 -35.63 -23.29 3.17
N ALA A 501 -36.90 -23.53 2.84
CA ALA A 501 -37.71 -22.60 2.07
C ALA A 501 -39.02 -22.33 2.80
N PHE A 502 -39.42 -21.05 2.82
CA PHE A 502 -40.72 -20.63 3.32
C PHE A 502 -41.59 -20.25 2.13
N ILE A 503 -42.78 -20.85 2.06
CA ILE A 503 -43.62 -20.77 0.87
C ILE A 503 -44.95 -20.13 1.23
N ALA A 504 -45.34 -19.12 0.47
CA ALA A 504 -46.66 -18.50 0.55
C ALA A 504 -47.45 -18.94 -0.67
N LEU A 505 -48.41 -19.83 -0.48
CA LEU A 505 -49.16 -20.40 -1.59
C LEU A 505 -50.11 -19.39 -2.20
N ARG A 506 -50.48 -19.65 -3.45
CA ARG A 506 -51.46 -18.82 -4.14
C ARG A 506 -52.86 -19.13 -3.65
N GLU A 507 -53.83 -18.34 -4.11
CA GLU A 507 -55.22 -18.55 -3.72
C GLU A 507 -55.73 -19.87 -4.27
N GLY A 508 -56.54 -20.56 -3.47
CA GLY A 508 -57.08 -21.84 -3.85
C GLY A 508 -56.22 -23.04 -3.50
N PHE A 509 -55.03 -22.81 -2.94
CA PHE A 509 -54.12 -23.89 -2.56
C PHE A 509 -53.90 -23.84 -1.05
N GLU A 510 -54.00 -25.00 -0.40
CA GLU A 510 -53.88 -25.05 1.05
C GLU A 510 -52.61 -25.79 1.46
N PRO A 511 -51.95 -25.34 2.52
CA PRO A 511 -50.74 -26.03 2.98
C PRO A 511 -51.03 -27.46 3.43
N SER A 512 -50.10 -28.36 3.13
CA SER A 512 -50.22 -29.75 3.50
C SER A 512 -48.86 -30.41 3.34
N ASP A 513 -48.74 -31.63 3.86
CA ASP A 513 -47.49 -32.37 3.73
C ASP A 513 -47.37 -33.06 2.39
N LYS A 514 -48.50 -33.38 1.75
CA LYS A 514 -48.47 -34.04 0.45
C LYS A 514 -47.82 -33.15 -0.60
N LEU A 515 -48.17 -31.87 -0.62
CA LEU A 515 -47.62 -30.96 -1.62
C LEU A 515 -46.19 -30.55 -1.28
N LYS A 516 -45.76 -30.74 -0.03
CA LYS A 516 -44.39 -30.42 0.35
C LYS A 516 -43.40 -31.26 -0.44
N GLU A 517 -43.66 -32.57 -0.55
CA GLU A 517 -42.76 -33.44 -1.29
C GLU A 517 -42.80 -33.14 -2.79
N GLU A 518 -43.93 -32.65 -3.30
CA GLU A 518 -44.03 -32.33 -4.72
C GLU A 518 -43.09 -31.20 -5.09
N ILE A 519 -42.89 -30.24 -4.17
CA ILE A 519 -41.91 -29.18 -4.41
C ILE A 519 -40.51 -29.76 -4.48
N ARG A 520 -40.19 -30.69 -3.57
CA ARG A 520 -38.84 -31.22 -3.50
C ARG A 520 -38.46 -31.98 -4.77
N LEU A 521 -39.37 -32.82 -5.28
CA LEU A 521 -39.05 -33.60 -6.47
C LEU A 521 -38.92 -32.73 -7.70
N PHE A 522 -39.78 -31.72 -7.84
CA PHE A 522 -39.73 -30.84 -9.00
C PHE A 522 -38.41 -30.07 -9.05
N VAL A 523 -37.96 -29.59 -7.89
CA VAL A 523 -36.64 -28.94 -7.82
C VAL A 523 -35.55 -29.96 -8.07
N LYS A 524 -35.72 -31.19 -7.57
CA LYS A 524 -34.72 -32.23 -7.76
C LYS A 524 -34.53 -32.56 -9.23
N GLN A 525 -35.62 -32.71 -9.99
CA GLN A 525 -35.50 -33.07 -11.39
C GLN A 525 -35.02 -31.88 -12.22
N GLY A 526 -35.46 -30.67 -11.89
CA GLY A 526 -35.09 -29.50 -12.66
C GLY A 526 -33.78 -28.85 -12.26
N LEU A 527 -33.19 -29.25 -11.14
CA LEU A 527 -31.94 -28.64 -10.68
C LEU A 527 -30.97 -29.70 -10.19
N ALA A 528 -29.90 -29.28 -9.54
CA ALA A 528 -28.89 -30.21 -9.05
C ALA A 528 -29.43 -31.01 -7.86
N ALA A 529 -28.70 -32.08 -7.53
CA ALA A 529 -29.11 -32.94 -6.41
C ALA A 529 -29.09 -32.18 -5.10
N HIS A 530 -28.05 -31.37 -4.86
CA HIS A 530 -27.94 -30.60 -3.63
C HIS A 530 -28.79 -29.33 -3.64
N ALA A 531 -29.40 -28.99 -4.77
CA ALA A 531 -30.24 -27.79 -4.85
C ALA A 531 -31.65 -28.03 -4.34
N ALA A 532 -32.04 -29.28 -4.12
CA ALA A 532 -33.38 -29.57 -3.62
C ALA A 532 -33.51 -29.11 -2.17
N PRO A 533 -34.64 -28.48 -1.81
CA PRO A 533 -34.82 -28.06 -0.42
C PRO A 533 -35.05 -29.24 0.50
N ARG A 534 -34.44 -29.18 1.69
CA ARG A 534 -34.59 -30.25 2.67
C ARG A 534 -35.63 -29.94 3.73
N GLU A 535 -35.99 -28.67 3.91
CA GLU A 535 -37.00 -28.27 4.88
C GLU A 535 -37.94 -27.27 4.22
N ILE A 536 -39.25 -27.49 4.37
CA ILE A 536 -40.27 -26.64 3.77
C ILE A 536 -41.25 -26.21 4.85
N GLU A 537 -41.48 -24.91 4.94
CA GLU A 537 -42.43 -24.34 5.90
C GLU A 537 -43.37 -23.40 5.15
N PHE A 538 -44.60 -23.31 5.63
CA PHE A 538 -45.65 -22.55 4.96
C PHE A 538 -46.04 -21.33 5.78
N LYS A 539 -46.24 -20.20 5.10
CA LYS A 539 -46.64 -18.95 5.73
C LYS A 539 -47.75 -18.31 4.92
N ASP A 540 -48.58 -17.50 5.60
CA ASP A 540 -49.57 -16.71 4.89
C ASP A 540 -48.90 -15.71 3.96
N LYS A 541 -47.84 -15.06 4.44
CA LYS A 541 -47.03 -14.18 3.62
C LYS A 541 -45.64 -14.08 4.23
N LEU A 542 -44.64 -13.86 3.38
CA LEU A 542 -43.28 -13.72 3.87
C LEU A 542 -43.05 -12.31 4.38
N PRO A 543 -42.02 -12.11 5.21
CA PRO A 543 -41.61 -10.74 5.55
C PRO A 543 -41.21 -9.97 4.30
N LYS A 544 -41.86 -8.83 4.10
CA LYS A 544 -41.61 -7.97 2.96
C LYS A 544 -41.54 -6.53 3.42
N THR A 545 -40.63 -5.76 2.84
CA THR A 545 -40.60 -4.33 3.10
C THR A 545 -41.84 -3.68 2.50
N ARG A 546 -42.01 -2.39 2.79
CA ARG A 546 -43.20 -1.69 2.32
C ARG A 546 -43.31 -1.65 0.81
N SER A 547 -42.18 -1.52 0.10
CA SER A 547 -42.20 -1.52 -1.35
C SER A 547 -42.59 -2.87 -1.93
N GLY A 548 -42.07 -3.96 -1.35
CA GLY A 548 -42.37 -5.29 -1.85
C GLY A 548 -41.17 -6.20 -1.92
N LYS A 549 -40.00 -5.69 -1.52
CA LYS A 549 -38.79 -6.49 -1.52
C LYS A 549 -38.83 -7.53 -0.42
N ILE A 550 -38.27 -8.71 -0.71
CA ILE A 550 -38.19 -9.80 0.25
C ILE A 550 -36.79 -9.83 0.83
N MET A 551 -36.68 -9.74 2.15
CA MET A 551 -35.41 -9.86 2.85
C MET A 551 -35.35 -11.23 3.53
N ARG A 552 -34.16 -11.82 3.57
CA ARG A 552 -33.98 -13.13 4.14
C ARG A 552 -33.18 -13.14 5.43
N ARG A 553 -32.57 -12.01 5.81
CA ARG A 553 -31.87 -11.96 7.09
C ARG A 553 -32.84 -12.13 8.24
N VAL A 554 -34.03 -11.54 8.13
CA VAL A 554 -35.07 -11.77 9.14
C VAL A 554 -35.50 -13.23 9.13
N LEU A 555 -35.53 -13.86 7.96
CA LEU A 555 -35.96 -15.25 7.86
C LEU A 555 -34.98 -16.17 8.60
N LYS A 556 -33.68 -15.96 8.42
CA LYS A 556 -32.71 -16.80 9.11
C LYS A 556 -32.60 -16.44 10.58
N ALA A 557 -32.82 -15.17 10.93
CA ALA A 557 -32.88 -14.80 12.34
C ALA A 557 -34.07 -15.47 13.02
N TRP A 558 -35.20 -15.54 12.34
CA TRP A 558 -36.36 -16.25 12.89
C TRP A 558 -36.08 -17.73 13.04
N GLU A 559 -35.41 -18.32 12.05
CA GLU A 559 -35.10 -19.75 12.08
C GLU A 559 -34.01 -20.05 13.11
N ALA B 5 47.62 13.97 10.75
CA ALA B 5 47.22 12.72 10.11
C ALA B 5 46.16 12.00 10.94
N LEU B 6 44.92 12.06 10.48
CA LEU B 6 43.83 11.42 11.20
C LEU B 6 43.90 9.92 10.96
N PRO B 7 44.07 9.10 12.00
CA PRO B 7 44.22 7.65 11.78
C PRO B 7 42.95 7.01 11.28
N ALA B 8 43.12 5.93 10.53
CA ALA B 8 41.98 5.17 10.05
C ALA B 8 41.30 4.44 11.21
N ILE B 9 40.00 4.21 11.09
CA ILE B 9 39.22 3.54 12.11
C ILE B 9 38.92 2.12 11.64
N GLU B 10 39.15 1.15 12.52
CA GLU B 10 38.91 -0.24 12.18
C GLU B 10 37.43 -0.48 11.93
N GLY B 11 37.13 -1.22 10.87
CA GLY B 11 35.75 -1.53 10.55
C GLY B 11 35.69 -2.40 9.31
N ASP B 12 34.46 -2.72 8.92
CA ASP B 12 34.21 -3.54 7.73
C ASP B 12 33.99 -2.62 6.54
N HIS B 13 35.01 -2.48 5.70
CA HIS B 13 34.94 -1.65 4.51
C HIS B 13 34.89 -2.53 3.27
N ASN B 14 34.27 -2.01 2.21
CA ASN B 14 34.24 -2.74 0.94
C ASN B 14 35.64 -2.86 0.35
N LEU B 15 36.46 -1.82 0.53
CA LEU B 15 37.88 -1.88 0.20
C LEU B 15 38.62 -2.36 1.43
N LYS B 16 39.09 -3.62 1.40
CA LYS B 16 39.76 -4.18 2.58
C LYS B 16 41.16 -3.61 2.74
N ASN B 17 42.02 -3.83 1.75
CA ASN B 17 43.39 -3.32 1.77
C ASN B 17 43.61 -2.49 0.52
N TYR B 18 44.17 -1.28 0.71
CA TYR B 18 44.38 -0.40 -0.43
C TYR B 18 45.52 -0.89 -1.31
N GLU B 19 46.65 -1.26 -0.71
CA GLU B 19 47.83 -1.63 -1.49
C GLU B 19 47.58 -2.93 -2.26
N GLU B 20 46.98 -3.92 -1.60
CA GLU B 20 46.73 -5.21 -2.23
C GLU B 20 45.81 -5.05 -3.43
N THR B 21 44.76 -4.25 -3.29
CA THR B 21 43.85 -4.03 -4.41
C THR B 21 44.51 -3.20 -5.50
N TYR B 22 45.31 -2.20 -5.11
CA TYR B 22 45.95 -1.34 -6.10
C TYR B 22 46.90 -2.12 -6.99
N ARG B 23 47.70 -3.01 -6.40
CA ARG B 23 48.70 -3.71 -7.19
C ARG B 23 48.16 -4.88 -7.99
N HIS B 24 46.96 -5.37 -7.68
CA HIS B 24 46.41 -6.55 -8.35
C HIS B 24 44.94 -6.32 -8.74
N PHE B 25 44.66 -5.21 -9.40
CA PHE B 25 43.32 -4.93 -9.89
C PHE B 25 43.33 -4.78 -11.41
N ASP B 26 42.33 -5.37 -12.05
CA ASP B 26 42.06 -5.16 -13.47
C ASP B 26 40.61 -4.74 -13.63
N TRP B 27 40.36 -3.88 -14.61
CA TRP B 27 39.03 -3.32 -14.79
C TRP B 27 38.00 -4.38 -15.18
N ALA B 28 38.44 -5.56 -15.61
CA ALA B 28 37.50 -6.65 -15.86
C ALA B 28 36.81 -7.10 -14.59
N GLU B 29 37.51 -7.04 -13.45
CA GLU B 29 36.90 -7.38 -12.18
C GLU B 29 35.82 -6.39 -11.80
N ALA B 30 35.94 -5.13 -12.22
CA ALA B 30 34.86 -4.17 -12.05
C ALA B 30 33.75 -4.39 -13.06
N GLU B 31 34.10 -4.79 -14.29
CA GLU B 31 33.09 -5.02 -15.32
C GLU B 31 32.18 -6.18 -14.95
N LYS B 32 32.75 -7.25 -14.38
CA LYS B 32 31.92 -8.40 -14.03
C LYS B 32 30.93 -8.08 -12.92
N HIS B 33 31.14 -6.99 -12.18
CA HIS B 33 30.17 -6.58 -11.18
C HIS B 33 28.84 -6.19 -11.80
N PHE B 34 28.88 -5.59 -13.00
CA PHE B 34 27.69 -5.09 -13.66
C PHE B 34 26.88 -6.24 -14.26
N SER B 35 25.64 -5.93 -14.62
CA SER B 35 24.72 -6.92 -15.16
C SER B 35 24.84 -7.10 -16.67
N TRP B 36 25.57 -6.23 -17.36
CA TRP B 36 25.76 -6.39 -18.79
C TRP B 36 26.94 -7.27 -19.14
N HIS B 37 27.81 -7.58 -18.17
CA HIS B 37 28.95 -8.45 -18.45
C HIS B 37 28.50 -9.87 -18.80
N GLU B 38 27.29 -10.25 -18.41
CA GLU B 38 26.72 -11.54 -18.78
C GLU B 38 25.55 -11.44 -19.75
N THR B 39 25.05 -10.23 -20.03
CA THR B 39 23.95 -10.04 -20.95
C THR B 39 24.29 -9.19 -22.17
N GLY B 40 25.32 -8.35 -22.08
CA GLY B 40 25.75 -7.52 -23.19
C GLY B 40 25.07 -6.16 -23.29
N LYS B 41 23.75 -6.13 -23.10
CA LYS B 41 22.99 -4.90 -23.18
C LYS B 41 23.38 -3.98 -22.03
N LEU B 42 24.11 -2.91 -22.32
CA LEU B 42 24.63 -2.00 -21.31
C LEU B 42 24.00 -0.63 -21.47
N ASN B 43 23.60 -0.05 -20.34
CA ASN B 43 23.07 1.31 -20.29
C ASN B 43 23.23 1.82 -18.87
N ALA B 44 23.71 3.06 -18.74
CA ALA B 44 23.92 3.62 -17.41
C ALA B 44 22.62 3.76 -16.65
N ALA B 45 21.56 4.21 -17.33
CA ALA B 45 20.29 4.41 -16.64
C ALA B 45 19.68 3.11 -16.17
N TYR B 46 19.78 2.04 -16.98
CA TYR B 46 19.19 0.77 -16.60
C TYR B 46 19.83 0.22 -15.34
N GLU B 47 21.14 0.36 -15.21
CA GLU B 47 21.84 -0.18 -14.06
C GLU B 47 21.86 0.77 -12.87
N ALA B 48 21.58 2.06 -13.08
CA ALA B 48 21.44 2.96 -11.95
C ALA B 48 20.17 2.68 -11.17
N ILE B 49 19.06 2.46 -11.86
CA ILE B 49 17.76 2.30 -11.19
C ILE B 49 17.07 1.01 -11.61
N ASP B 50 16.94 0.79 -12.92
CA ASP B 50 16.10 -0.30 -13.40
C ASP B 50 16.62 -1.66 -12.93
N ARG B 51 17.93 -1.78 -12.73
CA ARG B 51 18.47 -3.06 -12.27
C ARG B 51 18.03 -3.38 -10.85
N HIS B 52 18.08 -2.39 -9.95
CA HIS B 52 17.76 -2.62 -8.55
C HIS B 52 16.28 -2.91 -8.34
N ALA B 53 15.41 -2.26 -9.12
CA ALA B 53 13.98 -2.49 -8.96
C ALA B 53 13.59 -3.93 -9.26
N GLU B 54 14.44 -4.67 -9.97
CA GLU B 54 14.25 -6.11 -10.17
C GLU B 54 15.12 -6.94 -9.24
N SER B 55 15.70 -6.32 -8.21
CA SER B 55 16.55 -6.98 -7.24
C SER B 55 15.92 -6.91 -5.86
N PHE B 56 16.68 -7.31 -4.85
CA PHE B 56 16.22 -7.23 -3.47
C PHE B 56 16.20 -5.80 -2.93
N ARG B 57 16.53 -4.81 -3.74
CA ARG B 57 16.46 -3.40 -3.37
C ARG B 57 15.21 -2.72 -3.91
N LYS B 58 14.25 -3.49 -4.42
CA LYS B 58 13.07 -2.88 -5.05
C LYS B 58 12.29 -2.06 -4.04
N ASN B 59 12.10 -2.58 -2.83
CA ASN B 59 11.33 -1.89 -1.81
C ASN B 59 12.19 -0.96 -0.96
N LYS B 60 13.51 -1.07 -1.04
CA LYS B 60 14.37 -0.13 -0.36
C LYS B 60 14.12 1.26 -0.90
N VAL B 61 13.98 2.24 -0.02
CA VAL B 61 13.68 3.59 -0.46
C VAL B 61 14.86 4.15 -1.24
N ALA B 62 14.61 4.52 -2.49
CA ALA B 62 15.63 5.09 -3.35
C ALA B 62 15.75 6.60 -3.20
N LEU B 63 14.63 7.32 -3.12
CA LEU B 63 14.65 8.77 -3.03
C LEU B 63 13.82 9.22 -1.83
N TYR B 64 14.44 10.00 -0.96
CA TYR B 64 13.74 10.81 0.03
C TYR B 64 13.63 12.22 -0.55
N TYR B 65 12.41 12.73 -0.65
CA TYR B 65 12.19 14.10 -1.11
C TYR B 65 11.64 14.93 0.02
N LYS B 66 12.29 16.07 0.29
CA LYS B 66 11.83 16.97 1.34
C LYS B 66 11.88 18.40 0.83
N ASP B 67 10.90 19.20 1.22
CA ASP B 67 10.96 20.65 1.02
C ASP B 67 9.97 21.30 1.98
N ALA B 68 9.69 22.58 1.75
CA ALA B 68 8.73 23.30 2.58
C ALA B 68 7.29 22.84 2.38
N LYS B 69 7.00 22.12 1.28
CA LYS B 69 5.63 21.74 0.97
C LYS B 69 5.46 20.22 0.87
N ARG B 70 6.34 19.53 0.14
CA ARG B 70 6.20 18.12 -0.13
C ARG B 70 7.16 17.31 0.73
N ASP B 71 6.68 16.20 1.28
CA ASP B 71 7.48 15.30 2.10
C ASP B 71 7.23 13.86 1.71
N GLU B 72 7.26 13.58 0.41
CA GLU B 72 7.06 12.22 -0.08
C GLU B 72 8.40 11.51 -0.25
N LYS B 73 8.33 10.18 -0.27
CA LYS B 73 9.51 9.35 -0.45
C LYS B 73 9.24 8.33 -1.55
N TYR B 74 10.29 8.00 -2.29
CA TYR B 74 10.20 7.16 -3.46
C TYR B 74 11.12 5.96 -3.31
N THR B 75 10.61 4.78 -3.66
CA THR B 75 11.42 3.58 -3.68
C THR B 75 12.03 3.39 -5.06
N PHE B 76 12.91 2.39 -5.19
CA PHE B 76 13.58 2.15 -6.46
C PHE B 76 12.56 1.82 -7.55
N LYS B 77 11.56 1.01 -7.21
CA LYS B 77 10.49 0.73 -8.17
C LYS B 77 9.76 1.99 -8.57
N GLU B 78 9.51 2.88 -7.60
CA GLU B 78 8.79 4.12 -7.92
C GLU B 78 9.60 5.00 -8.87
N MET B 79 10.90 5.13 -8.63
CA MET B 79 11.75 5.89 -9.53
C MET B 79 11.78 5.26 -10.92
N LYS B 80 11.86 3.93 -10.99
CA LYS B 80 11.85 3.27 -12.28
C LYS B 80 10.57 3.55 -13.05
N GLU B 81 9.42 3.43 -12.37
CA GLU B 81 8.14 3.68 -13.04
C GLU B 81 8.03 5.12 -13.51
N GLU B 82 8.37 6.08 -12.64
CA GLU B 82 8.22 7.48 -13.01
C GLU B 82 9.20 7.88 -14.11
N SER B 83 10.41 7.35 -14.08
CA SER B 83 11.38 7.64 -15.13
C SER B 83 10.95 7.02 -16.45
N ASN B 84 10.38 5.82 -16.42
CA ASN B 84 9.84 5.25 -17.65
C ASN B 84 8.70 6.09 -18.20
N ARG B 85 7.84 6.60 -17.31
CA ARG B 85 6.77 7.49 -17.75
C ARG B 85 7.33 8.74 -18.41
N ALA B 86 8.35 9.36 -17.79
CA ALA B 86 8.95 10.56 -18.37
C ALA B 86 9.59 10.26 -19.72
N GLY B 87 10.28 9.13 -19.84
CA GLY B 87 10.88 8.77 -21.11
C GLY B 87 9.86 8.52 -22.19
N ASN B 88 8.75 7.85 -21.85
CA ASN B 88 7.69 7.64 -22.83
C ASN B 88 7.09 8.97 -23.28
N VAL B 89 6.88 9.90 -22.35
CA VAL B 89 6.38 11.22 -22.71
C VAL B 89 7.35 11.90 -23.66
N LEU B 90 8.65 11.87 -23.31
CA LEU B 90 9.66 12.51 -24.14
C LEU B 90 9.66 11.94 -25.55
N ARG B 91 9.68 10.62 -25.66
CA ARG B 91 9.74 9.97 -26.97
C ARG B 91 8.49 10.29 -27.80
N ARG B 92 7.31 10.18 -27.19
CA ARG B 92 6.08 10.33 -27.95
C ARG B 92 5.83 11.78 -28.36
N TYR B 93 6.00 12.72 -27.43
CA TYR B 93 5.65 14.10 -27.68
C TYR B 93 6.83 14.96 -28.12
N GLY B 94 8.02 14.37 -28.29
CA GLY B 94 9.15 15.15 -28.75
C GLY B 94 9.86 14.51 -29.93
N ASN B 95 9.53 13.25 -30.21
CA ASN B 95 10.19 12.48 -31.28
C ASN B 95 11.70 12.49 -31.11
N VAL B 96 12.16 12.40 -29.87
CA VAL B 96 13.59 12.38 -29.57
C VAL B 96 14.12 10.98 -29.82
N GLU B 97 15.18 10.88 -30.62
CA GLU B 97 15.78 9.61 -30.99
C GLU B 97 17.12 9.46 -30.28
N LYS B 98 17.77 8.33 -30.54
CA LYS B 98 19.07 8.04 -29.95
C LYS B 98 20.08 9.11 -30.35
N GLY B 99 20.73 9.72 -29.36
CA GLY B 99 21.67 10.78 -29.59
C GLY B 99 21.08 12.18 -29.60
N ASP B 100 19.76 12.31 -29.59
CA ASP B 100 19.13 13.61 -29.54
C ASP B 100 19.34 14.23 -28.16
N ARG B 101 19.76 15.49 -28.13
CA ARG B 101 20.02 16.17 -26.87
C ARG B 101 18.71 16.61 -26.24
N VAL B 102 18.38 16.03 -25.10
CA VAL B 102 17.21 16.41 -24.31
C VAL B 102 17.71 17.26 -23.16
N PHE B 103 17.43 18.55 -23.20
CA PHE B 103 17.86 19.45 -22.15
C PHE B 103 16.75 19.62 -21.13
N ILE B 104 17.14 19.76 -19.86
CA ILE B 104 16.18 19.84 -18.76
C ILE B 104 16.50 21.09 -17.96
N PHE B 105 15.54 22.03 -17.93
CA PHE B 105 15.68 23.34 -17.29
C PHE B 105 14.58 23.47 -16.24
N MET B 106 14.82 22.94 -15.05
CA MET B 106 13.78 22.85 -14.03
C MET B 106 14.43 22.72 -12.67
N PRO B 107 13.74 23.13 -11.60
CA PRO B 107 14.36 23.10 -10.28
C PRO B 107 14.33 21.72 -9.65
N ARG B 108 15.02 21.60 -8.52
CA ARG B 108 15.19 20.35 -7.81
C ARG B 108 13.84 19.75 -7.42
N SER B 109 13.51 18.60 -7.99
CA SER B 109 12.21 17.97 -7.80
C SER B 109 12.32 16.53 -8.26
N PRO B 110 11.46 15.64 -7.74
CA PRO B 110 11.45 14.26 -8.25
C PRO B 110 11.21 14.17 -9.74
N GLU B 111 10.39 15.07 -10.29
CA GLU B 111 10.14 15.06 -11.73
C GLU B 111 11.41 15.30 -12.52
N LEU B 112 12.33 16.12 -11.98
CA LEU B 112 13.60 16.35 -12.66
C LEU B 112 14.38 15.06 -12.82
N TYR B 113 14.49 14.27 -11.75
CA TYR B 113 15.21 13.00 -11.81
C TYR B 113 14.48 12.02 -12.72
N PHE B 114 13.15 12.00 -12.65
CA PHE B 114 12.39 11.10 -13.53
C PHE B 114 12.65 11.43 -15.00
N ILE B 115 12.67 12.72 -15.34
CA ILE B 115 12.85 13.12 -16.72
C ILE B 115 14.29 12.86 -17.18
N MET B 116 15.26 13.11 -16.30
CA MET B 116 16.65 12.82 -16.66
C MET B 116 16.85 11.35 -16.94
N LEU B 117 16.32 10.50 -16.06
CA LEU B 117 16.46 9.06 -16.25
C LEU B 117 15.70 8.60 -17.49
N GLY B 118 14.53 9.18 -17.76
CA GLY B 118 13.80 8.82 -18.96
C GLY B 118 14.52 9.23 -20.23
N ALA B 119 15.12 10.41 -20.23
CA ALA B 119 15.88 10.86 -21.39
C ALA B 119 17.07 9.97 -21.65
N ILE B 120 17.81 9.62 -20.59
CA ILE B 120 18.97 8.74 -20.78
C ILE B 120 18.53 7.33 -21.15
N LYS B 121 17.35 6.91 -20.69
CA LYS B 121 16.88 5.55 -20.96
C LYS B 121 16.57 5.34 -22.44
N ILE B 122 16.07 6.37 -23.13
CA ILE B 122 15.67 6.22 -24.52
C ILE B 122 16.86 6.51 -25.43
N GLY B 123 18.05 6.58 -24.85
CA GLY B 123 19.25 6.85 -25.60
C GLY B 123 19.57 8.30 -25.79
N ALA B 124 18.65 9.20 -25.46
CA ALA B 124 18.91 10.62 -25.61
C ALA B 124 19.99 11.08 -24.64
N ILE B 125 20.82 12.01 -25.10
CA ILE B 125 21.84 12.61 -24.25
C ILE B 125 21.15 13.66 -23.39
N ALA B 126 21.09 13.43 -22.09
CA ALA B 126 20.39 14.32 -21.18
C ALA B 126 21.33 15.42 -20.71
N GLY B 127 20.96 16.66 -20.96
CA GLY B 127 21.73 17.80 -20.53
C GLY B 127 21.01 18.59 -19.46
N PRO B 128 21.50 18.50 -18.22
CA PRO B 128 20.92 19.32 -17.16
C PRO B 128 21.26 20.78 -17.35
N LEU B 129 20.38 21.64 -16.84
CA LEU B 129 20.59 23.08 -16.87
C LEU B 129 20.29 23.63 -15.49
N PHE B 130 21.21 24.43 -14.95
CA PHE B 130 20.95 25.09 -13.68
C PHE B 130 19.95 26.22 -13.88
N GLU B 131 19.19 26.51 -12.82
CA GLU B 131 18.14 27.52 -12.92
C GLU B 131 18.66 28.94 -12.81
N ALA B 132 19.93 29.12 -12.46
CA ALA B 132 20.48 30.46 -12.23
C ALA B 132 20.84 31.20 -13.52
N PHE B 133 20.88 30.52 -14.67
CA PHE B 133 21.26 31.19 -15.90
C PHE B 133 20.14 32.08 -16.42
N MET B 134 20.53 33.22 -16.98
CA MET B 134 19.60 34.14 -17.61
C MET B 134 19.53 33.82 -19.11
N GLU B 135 18.60 34.47 -19.81
CA GLU B 135 18.10 33.97 -21.10
C GLU B 135 19.22 33.66 -22.10
N GLY B 136 20.27 34.48 -22.13
CA GLY B 136 21.33 34.27 -23.10
C GLY B 136 22.07 32.96 -22.92
N ALA B 137 22.35 32.59 -21.68
CA ALA B 137 23.11 31.36 -21.42
C ALA B 137 22.34 30.12 -21.86
N VAL B 138 21.08 30.01 -21.45
CA VAL B 138 20.27 28.87 -21.86
C VAL B 138 20.06 28.89 -23.38
N LYS B 139 19.90 30.08 -23.95
CA LYS B 139 19.72 30.19 -25.39
C LYS B 139 20.93 29.64 -26.14
N ASP B 140 22.13 30.08 -25.76
CA ASP B 140 23.32 29.66 -26.50
C ASP B 140 23.63 28.19 -26.25
N ARG B 141 23.38 27.70 -25.04
CA ARG B 141 23.59 26.28 -24.78
C ARG B 141 22.65 25.42 -25.61
N LEU B 142 21.37 25.82 -25.69
CA LEU B 142 20.42 25.07 -26.50
C LEU B 142 20.78 25.14 -27.98
N GLU B 143 21.23 26.30 -28.45
CA GLU B 143 21.61 26.42 -29.85
C GLU B 143 22.82 25.55 -30.18
N ASN B 144 23.86 25.62 -29.36
CA ASN B 144 25.07 24.83 -29.61
C ASN B 144 24.78 23.34 -29.51
N SER B 145 23.99 22.93 -28.53
CA SER B 145 23.65 21.51 -28.40
C SER B 145 22.67 21.06 -29.46
N GLU B 146 21.98 21.99 -30.13
CA GLU B 146 20.92 21.67 -31.07
C GLU B 146 19.87 20.77 -30.42
N ALA B 147 19.48 21.14 -29.21
CA ALA B 147 18.58 20.31 -28.42
C ALA B 147 17.21 20.22 -29.08
N LYS B 148 16.72 19.00 -29.26
CA LYS B 148 15.41 18.79 -29.85
C LYS B 148 14.28 19.12 -28.88
N VAL B 149 14.48 18.87 -27.58
CA VAL B 149 13.43 19.03 -26.58
C VAL B 149 14.03 19.68 -25.34
N VAL B 150 13.29 20.61 -24.75
CA VAL B 150 13.62 21.18 -23.45
C VAL B 150 12.41 21.02 -22.54
N VAL B 151 12.66 20.81 -21.25
CA VAL B 151 11.61 20.66 -20.24
C VAL B 151 11.83 21.72 -19.18
N THR B 152 10.77 22.46 -18.86
CA THR B 152 10.87 23.57 -17.94
C THR B 152 9.56 23.73 -17.17
N THR B 153 9.59 24.63 -16.18
CA THR B 153 8.51 25.09 -15.33
C THR B 153 8.02 26.46 -15.80
N PRO B 154 6.74 26.79 -15.59
CA PRO B 154 6.24 28.08 -16.08
C PRO B 154 7.00 29.27 -15.55
N GLU B 155 7.51 29.20 -14.31
CA GLU B 155 8.27 30.33 -13.76
C GLU B 155 9.49 30.64 -14.61
N LEU B 156 10.01 29.66 -15.34
CA LEU B 156 11.12 29.86 -16.26
C LEU B 156 10.70 29.75 -17.72
N LEU B 157 9.41 29.60 -18.00
CA LEU B 157 8.95 29.37 -19.36
C LEU B 157 9.35 30.50 -20.29
N GLU B 158 9.21 31.75 -19.82
CA GLU B 158 9.54 32.90 -20.64
C GLU B 158 11.05 33.06 -20.85
N ARG B 159 11.88 32.32 -20.13
CA ARG B 159 13.32 32.49 -20.24
C ARG B 159 13.89 31.88 -21.52
N ILE B 160 13.25 30.88 -22.08
CA ILE B 160 13.76 30.21 -23.28
C ILE B 160 13.21 30.87 -24.53
N PRO B 161 14.06 31.41 -25.40
CA PRO B 161 13.56 32.00 -26.66
C PRO B 161 13.30 30.95 -27.72
N VAL B 162 12.11 30.35 -27.69
CA VAL B 162 11.77 29.29 -28.64
C VAL B 162 11.81 29.80 -30.07
N ASP B 163 11.38 31.05 -30.29
CA ASP B 163 11.35 31.62 -31.63
C ASP B 163 12.75 31.80 -32.21
N LYS B 164 13.77 31.87 -31.38
CA LYS B 164 15.14 32.04 -31.85
C LYS B 164 15.88 30.71 -32.04
N LEU B 165 15.20 29.58 -31.89
CA LEU B 165 15.82 28.26 -31.95
C LEU B 165 15.19 27.43 -33.05
N PRO B 166 15.77 27.42 -34.25
CA PRO B 166 15.19 26.58 -35.33
C PRO B 166 15.20 25.10 -35.01
N HIS B 167 16.17 24.63 -34.24
CA HIS B 167 16.30 23.20 -33.96
C HIS B 167 15.53 22.76 -32.73
N LEU B 168 14.71 23.63 -32.14
CA LEU B 168 13.89 23.27 -30.99
C LEU B 168 12.48 22.98 -31.47
N GLN B 169 12.12 21.70 -31.53
CA GLN B 169 10.80 21.29 -32.00
C GLN B 169 9.73 21.47 -30.93
N HIS B 170 9.93 20.87 -29.75
CA HIS B 170 8.92 20.91 -28.70
C HIS B 170 9.54 21.43 -27.41
N VAL B 171 8.68 22.01 -26.57
CA VAL B 171 9.06 22.52 -25.26
C VAL B 171 8.07 21.99 -24.23
N PHE B 172 8.57 21.29 -23.22
CA PHE B 172 7.71 20.69 -22.20
C PHE B 172 7.66 21.57 -20.97
N VAL B 173 6.46 21.67 -20.40
CA VAL B 173 6.20 22.53 -19.24
C VAL B 173 5.71 21.64 -18.10
N VAL B 174 6.26 21.85 -16.91
CA VAL B 174 5.96 21.02 -15.73
C VAL B 174 5.29 21.90 -14.68
N GLY B 175 4.17 21.44 -14.17
CA GLY B 175 3.45 22.15 -13.13
C GLY B 175 2.66 23.34 -13.66
N GLY B 176 1.67 23.76 -12.89
CA GLY B 176 0.87 24.91 -13.26
C GLY B 176 -0.01 24.72 -14.49
N GLU B 177 -0.69 25.79 -14.88
CA GLU B 177 -1.50 25.71 -16.09
C GLU B 177 -0.75 26.48 -17.15
N ALA B 178 -0.40 25.81 -18.23
CA ALA B 178 0.30 26.47 -19.31
C ALA B 178 -0.43 26.12 -20.59
N GLU B 179 -0.91 27.14 -21.30
CA GLU B 179 -1.67 26.88 -22.52
C GLU B 179 -0.87 25.97 -23.45
N SER B 180 -1.54 24.91 -23.93
CA SER B 180 -0.88 23.93 -24.81
C SER B 180 -0.82 24.50 -26.21
N GLY B 181 0.33 25.11 -26.55
CA GLY B 181 0.53 25.66 -27.87
C GLY B 181 0.97 24.61 -28.87
N THR B 182 1.28 25.08 -30.09
CA THR B 182 1.74 24.18 -31.13
C THR B 182 3.08 23.55 -30.78
N ASN B 183 3.99 24.36 -30.24
CA ASN B 183 5.31 23.88 -29.84
C ASN B 183 5.52 23.91 -28.33
N ILE B 184 4.46 24.07 -27.55
CA ILE B 184 4.52 24.07 -26.10
C ILE B 184 3.52 23.05 -25.59
N ILE B 185 4.01 22.03 -24.89
CA ILE B 185 3.17 20.96 -24.34
C ILE B 185 3.41 20.89 -22.84
N ASN B 186 2.32 20.87 -22.08
CA ASN B 186 2.42 20.75 -20.63
C ASN B 186 2.60 19.28 -20.26
N TYR B 187 3.54 19.00 -19.35
CA TYR B 187 3.88 17.62 -19.03
C TYR B 187 2.71 16.92 -18.34
N ASP B 188 2.13 17.57 -17.32
CA ASP B 188 1.28 16.86 -16.36
C ASP B 188 0.07 16.21 -17.02
N GLU B 189 -0.65 16.94 -17.86
CA GLU B 189 -1.77 16.31 -18.57
C GLU B 189 -1.33 15.36 -19.67
N ALA B 190 -0.02 15.24 -19.91
CA ALA B 190 0.52 14.16 -20.72
C ALA B 190 1.19 13.08 -19.87
N ALA B 191 1.36 13.33 -18.57
CA ALA B 191 2.06 12.38 -17.70
C ALA B 191 1.23 11.13 -17.45
N LYS B 192 -0.07 11.29 -17.25
CA LYS B 192 -0.92 10.22 -16.73
C LYS B 192 -1.81 9.60 -17.80
N GLN B 193 -1.38 9.63 -19.06
CA GLN B 193 -2.16 9.09 -20.16
C GLN B 193 -1.39 8.08 -20.99
N GLU B 194 -0.46 7.36 -20.36
CA GLU B 194 0.32 6.34 -21.05
C GLU B 194 0.63 5.23 -20.04
N SER B 195 1.54 4.34 -20.41
CA SER B 195 1.97 3.25 -19.55
C SER B 195 3.23 3.63 -18.79
N THR B 196 3.57 2.79 -17.81
CA THR B 196 4.77 2.98 -17.01
C THR B 196 5.91 2.05 -17.43
N ARG B 197 5.76 1.33 -18.53
CA ARG B 197 6.79 0.45 -19.05
C ARG B 197 7.43 1.10 -20.28
N LEU B 198 8.75 1.22 -20.26
CA LEU B 198 9.49 1.88 -21.32
C LEU B 198 10.62 0.97 -21.78
N ASP B 199 10.69 0.73 -23.09
CA ASP B 199 11.79 -0.02 -23.66
C ASP B 199 13.05 0.84 -23.65
N ILE B 200 14.13 0.29 -23.09
CA ILE B 200 15.37 1.02 -22.92
C ILE B 200 16.22 0.84 -24.17
N GLU B 201 16.65 1.96 -24.75
CA GLU B 201 17.50 1.92 -25.94
C GLU B 201 18.87 1.43 -25.52
N TRP B 202 19.20 0.19 -25.89
CA TRP B 202 20.53 -0.33 -25.62
C TRP B 202 21.51 0.15 -26.69
N MET B 203 22.66 0.66 -26.27
CA MET B 203 23.71 1.01 -27.21
C MET B 203 25.05 0.48 -26.73
N ASP B 204 26.08 0.78 -27.50
CA ASP B 204 27.39 0.17 -27.33
C ASP B 204 28.17 0.87 -26.23
N LYS B 205 29.43 0.44 -26.07
CA LYS B 205 30.31 1.03 -25.05
C LYS B 205 30.61 2.49 -25.34
N LYS B 206 30.82 2.84 -26.61
CA LYS B 206 31.24 4.20 -26.98
C LYS B 206 30.04 4.93 -27.59
N ASP B 207 29.24 5.54 -26.72
CA ASP B 207 28.12 6.38 -27.13
C ASP B 207 27.69 7.23 -25.95
N GLY B 208 27.51 8.53 -26.18
CA GLY B 208 27.31 9.44 -25.07
C GLY B 208 25.91 9.35 -24.47
N PHE B 209 25.83 9.72 -23.20
CA PHE B 209 24.55 9.80 -22.48
C PHE B 209 24.39 11.04 -21.62
N LEU B 210 25.46 11.78 -21.35
CA LEU B 210 25.38 13.00 -20.54
C LEU B 210 26.07 14.14 -21.28
N LEU B 211 25.46 15.32 -21.24
CA LEU B 211 26.03 16.52 -21.85
C LEU B 211 26.01 17.63 -20.81
N HIS B 212 27.16 17.93 -20.24
CA HIS B 212 27.29 18.96 -19.22
C HIS B 212 28.11 20.12 -19.74
N TYR B 213 27.55 21.32 -19.64
CA TYR B 213 28.22 22.54 -20.08
C TYR B 213 28.79 23.26 -18.86
N THR B 214 30.05 23.67 -18.96
CA THR B 214 30.75 24.34 -17.88
C THR B 214 30.99 25.79 -18.26
N SER B 215 30.65 26.70 -17.34
CA SER B 215 30.92 28.11 -17.57
C SER B 215 32.42 28.38 -17.53
N GLY B 216 32.89 29.20 -18.47
CA GLY B 216 34.31 29.50 -18.57
C GLY B 216 34.55 30.99 -18.72
N SER B 217 35.82 31.35 -18.56
CA SER B 217 36.21 32.76 -18.70
C SER B 217 36.03 33.26 -20.12
N THR B 218 36.19 32.37 -21.12
CA THR B 218 35.98 32.77 -22.50
C THR B 218 34.53 33.16 -22.76
N GLY B 219 33.60 32.45 -22.13
CA GLY B 219 32.19 32.72 -22.28
C GLY B 219 31.46 31.76 -23.22
N THR B 220 32.20 31.07 -24.08
CA THR B 220 31.56 30.08 -24.95
C THR B 220 31.22 28.82 -24.15
N PRO B 221 30.07 28.20 -24.42
CA PRO B 221 29.71 26.99 -23.69
C PRO B 221 30.39 25.76 -24.27
N LYS B 222 30.84 24.88 -23.39
CA LYS B 222 31.58 23.68 -23.77
C LYS B 222 30.85 22.46 -23.23
N GLY B 223 30.27 21.67 -24.13
CA GLY B 223 29.51 20.51 -23.72
C GLY B 223 30.26 19.20 -23.88
N VAL B 224 30.79 18.68 -22.78
CA VAL B 224 31.53 17.42 -22.78
C VAL B 224 30.55 16.28 -22.93
N LEU B 225 30.99 15.17 -23.53
CA LEU B 225 30.13 14.01 -23.73
C LEU B 225 30.74 12.83 -22.99
N HIS B 226 29.96 12.24 -22.09
CA HIS B 226 30.37 11.05 -21.35
C HIS B 226 29.68 9.84 -21.94
N VAL B 227 30.44 8.82 -22.27
CA VAL B 227 29.88 7.58 -22.79
C VAL B 227 29.13 6.87 -21.66
N HIS B 228 28.35 5.84 -22.01
CA HIS B 228 27.75 5.02 -20.97
C HIS B 228 28.82 4.40 -20.09
N GLU B 229 29.84 3.80 -20.72
CA GLU B 229 30.86 2.99 -20.06
C GLU B 229 31.60 3.72 -18.96
N ALA B 230 31.44 5.05 -18.85
CA ALA B 230 31.98 5.76 -17.70
C ALA B 230 31.45 5.23 -16.39
N MET B 231 30.22 4.71 -16.39
CA MET B 231 29.64 4.12 -15.19
C MET B 231 30.49 2.98 -14.65
N ILE B 232 31.29 2.35 -15.51
CA ILE B 232 32.19 1.28 -15.05
C ILE B 232 33.04 1.78 -13.89
N GLN B 233 33.45 3.05 -13.97
CA GLN B 233 34.20 3.62 -12.86
C GLN B 233 33.25 4.23 -11.84
N GLN B 234 32.12 4.77 -12.29
CA GLN B 234 31.21 5.46 -11.39
C GLN B 234 30.76 4.55 -10.26
N TYR B 235 30.37 3.32 -10.58
CA TYR B 235 30.00 2.36 -9.55
C TYR B 235 31.19 2.01 -8.67
N GLN B 236 32.36 1.80 -9.28
CA GLN B 236 33.49 1.26 -8.52
C GLN B 236 33.91 2.20 -7.40
N THR B 237 34.13 3.47 -7.74
CA THR B 237 34.44 4.45 -6.69
C THR B 237 33.28 4.56 -5.70
N GLY B 238 32.05 4.42 -6.20
CA GLY B 238 30.91 4.44 -5.31
C GLY B 238 30.91 3.32 -4.30
N LYS B 239 31.66 2.24 -4.58
CA LYS B 239 31.82 1.16 -3.61
C LYS B 239 33.05 1.33 -2.75
N TRP B 240 34.01 2.15 -3.19
CA TRP B 240 35.28 2.32 -2.50
C TRP B 240 35.38 3.67 -1.81
N VAL B 241 35.18 4.75 -2.56
CA VAL B 241 35.22 6.09 -1.96
C VAL B 241 34.00 6.31 -1.08
N LEU B 242 32.82 5.86 -1.54
CA LEU B 242 31.60 6.08 -0.80
C LEU B 242 31.24 4.94 0.14
N ASP B 243 31.84 3.77 -0.04
CA ASP B 243 31.58 2.58 0.79
C ASP B 243 30.11 2.44 1.13
N LEU B 244 29.30 2.35 0.08
CA LEU B 244 27.85 2.28 0.21
C LEU B 244 27.47 0.85 0.56
N LYS B 245 27.21 0.60 1.84
CA LYS B 245 26.70 -0.70 2.27
C LYS B 245 25.20 -0.75 2.01
N GLU B 246 24.57 -1.86 2.36
CA GLU B 246 23.14 -2.02 2.10
C GLU B 246 22.28 -1.18 3.02
N GLU B 247 22.82 -0.72 4.15
CA GLU B 247 22.02 -0.01 5.15
C GLU B 247 22.46 1.44 5.33
N ASP B 248 22.96 2.09 4.27
CA ASP B 248 23.35 3.49 4.35
C ASP B 248 22.29 4.37 3.70
N ILE B 249 22.05 5.52 4.32
CA ILE B 249 21.22 6.57 3.73
C ILE B 249 22.18 7.64 3.20
N TYR B 250 22.08 7.89 1.90
CA TYR B 250 23.02 8.76 1.20
C TYR B 250 22.33 10.09 0.90
N TRP B 251 23.01 11.19 1.23
CA TRP B 251 22.49 12.52 0.98
C TRP B 251 23.52 13.29 0.16
N CYS B 252 23.16 13.63 -1.08
CA CYS B 252 23.99 14.46 -1.95
C CYS B 252 23.35 15.83 -2.05
N THR B 253 24.06 16.85 -1.57
CA THR B 253 23.54 18.20 -1.53
C THR B 253 24.00 19.07 -2.70
N ALA B 254 24.78 18.51 -3.62
CA ALA B 254 25.15 19.26 -4.82
C ALA B 254 23.97 19.34 -5.77
N ASP B 255 23.87 20.46 -6.48
CA ASP B 255 22.72 20.69 -7.35
C ASP B 255 22.73 19.73 -8.52
N PRO B 256 21.58 19.23 -8.96
CA PRO B 256 21.56 18.26 -10.07
C PRO B 256 21.76 18.88 -11.44
N GLY B 257 21.78 20.22 -11.54
CA GLY B 257 22.11 20.84 -12.80
C GLY B 257 23.56 20.75 -13.17
N TRP B 258 24.41 20.49 -12.16
CA TRP B 258 25.86 20.33 -12.29
C TRP B 258 26.24 18.85 -12.38
N VAL B 259 27.43 18.54 -12.91
CA VAL B 259 27.82 17.16 -13.17
C VAL B 259 27.84 16.34 -11.88
N THR B 260 28.32 16.95 -10.79
CA THR B 260 28.46 16.20 -9.54
C THR B 260 27.11 15.74 -9.01
N GLY B 261 26.10 16.61 -9.03
CA GLY B 261 24.78 16.20 -8.62
C GLY B 261 24.13 15.27 -9.62
N THR B 262 24.57 15.31 -10.87
CA THR B 262 24.01 14.44 -11.90
C THR B 262 24.51 13.01 -11.79
N VAL B 263 25.77 12.83 -11.43
CA VAL B 263 26.38 11.49 -11.43
C VAL B 263 26.59 10.96 -10.01
N TYR B 264 26.91 11.84 -9.05
CA TYR B 264 27.05 11.43 -7.66
C TYR B 264 25.81 11.71 -6.84
N GLY B 265 24.73 12.14 -7.48
CA GLY B 265 23.44 12.24 -6.83
C GLY B 265 22.44 11.33 -7.51
N ILE B 266 22.80 10.81 -8.67
CA ILE B 266 21.92 9.92 -9.42
C ILE B 266 22.62 8.59 -9.70
N PHE B 267 23.74 8.64 -10.43
CA PHE B 267 24.31 7.39 -10.93
C PHE B 267 25.22 6.70 -9.93
N ALA B 268 26.14 7.43 -9.30
CA ALA B 268 27.05 6.77 -8.37
C ALA B 268 26.32 6.12 -7.19
N PRO B 269 25.41 6.80 -6.48
CA PRO B 269 24.75 6.13 -5.35
C PRO B 269 23.77 5.05 -5.78
N TRP B 270 23.01 5.28 -6.84
CA TRP B 270 21.99 4.31 -7.23
C TRP B 270 22.59 3.10 -7.95
N LEU B 271 23.75 3.25 -8.59
CA LEU B 271 24.44 2.09 -9.15
C LEU B 271 24.84 1.12 -8.04
N ASN B 272 25.34 1.65 -6.92
CA ASN B 272 25.57 0.84 -5.74
C ASN B 272 24.27 0.42 -5.06
N GLY B 273 23.15 1.00 -5.45
CA GLY B 273 21.87 0.71 -4.83
C GLY B 273 21.71 1.31 -3.44
N ALA B 274 22.12 2.56 -3.28
CA ALA B 274 22.00 3.25 -2.01
C ALA B 274 20.66 3.95 -1.91
N THR B 275 20.48 4.73 -0.84
CA THR B 275 19.27 5.51 -0.60
C THR B 275 19.66 6.99 -0.66
N ASN B 276 19.25 7.67 -1.73
CA ASN B 276 19.55 9.07 -1.94
C ASN B 276 18.51 9.94 -1.23
N VAL B 277 18.99 11.02 -0.63
CA VAL B 277 18.15 12.01 0.04
C VAL B 277 18.33 13.33 -0.69
N ILE B 278 17.22 14.03 -0.93
CA ILE B 278 17.27 15.34 -1.56
C ILE B 278 16.24 16.25 -0.90
N VAL B 279 16.63 17.49 -0.65
CA VAL B 279 15.78 18.47 0.01
C VAL B 279 15.61 19.65 -0.93
N GLY B 280 14.35 20.10 -1.07
CA GLY B 280 14.04 21.25 -1.90
C GLY B 280 14.04 22.54 -1.11
N GLY B 281 13.81 23.63 -1.84
CA GLY B 281 13.70 24.94 -1.22
C GLY B 281 15.06 25.52 -0.88
N ARG B 282 15.01 26.77 -0.41
CA ARG B 282 16.23 27.48 -0.03
C ARG B 282 16.86 26.84 1.20
N PHE B 283 18.18 26.90 1.27
CA PHE B 283 18.92 26.31 2.38
C PHE B 283 18.60 27.03 3.69
N SER B 284 18.62 26.27 4.78
CA SER B 284 18.61 26.80 6.14
C SER B 284 19.27 25.73 7.00
N PRO B 285 20.18 26.11 7.90
CA PRO B 285 20.89 25.09 8.69
C PRO B 285 19.97 24.19 9.47
N GLU B 286 18.88 24.75 10.02
CA GLU B 286 17.92 23.92 10.74
C GLU B 286 17.29 22.89 9.83
N SER B 287 16.99 23.26 8.59
CA SER B 287 16.40 22.30 7.65
C SER B 287 17.34 21.13 7.40
N TRP B 288 18.61 21.42 7.13
CA TRP B 288 19.56 20.35 6.82
C TRP B 288 19.80 19.47 8.04
N TYR B 289 20.02 20.07 9.21
CA TYR B 289 20.26 19.27 10.41
C TYR B 289 19.04 18.47 10.80
N GLY B 290 17.84 19.03 10.63
CA GLY B 290 16.63 18.27 10.90
C GLY B 290 16.43 17.13 9.92
N THR B 291 16.81 17.33 8.65
CA THR B 291 16.81 16.25 7.69
C THR B 291 17.74 15.13 8.14
N ILE B 292 18.93 15.50 8.60
CA ILE B 292 19.89 14.50 9.09
C ILE B 292 19.31 13.75 10.28
N GLU B 293 18.76 14.48 11.24
CA GLU B 293 18.28 13.86 12.48
C GLU B 293 17.07 12.97 12.22
N GLN B 294 16.12 13.45 11.42
CA GLN B 294 14.92 12.66 11.13
C GLN B 294 15.30 11.44 10.29
N LEU B 295 15.89 11.65 9.12
CA LEU B 295 16.18 10.55 8.23
C LEU B 295 17.35 9.70 8.70
N GLY B 296 18.30 10.28 9.42
CA GLY B 296 19.46 9.52 9.86
C GLY B 296 20.38 9.18 8.70
N VAL B 297 21.01 10.20 8.11
CA VAL B 297 21.87 9.97 6.96
C VAL B 297 23.17 9.32 7.40
N ASN B 298 23.55 8.25 6.71
CA ASN B 298 24.80 7.55 6.98
C ASN B 298 25.95 8.06 6.12
N VAL B 299 25.73 8.16 4.81
CA VAL B 299 26.70 8.75 3.88
C VAL B 299 26.19 10.11 3.45
N TRP B 300 27.07 11.10 3.49
CA TRP B 300 26.72 12.50 3.25
C TRP B 300 27.75 13.11 2.32
N TYR B 301 27.43 13.16 1.03
CA TYR B 301 28.32 13.73 0.01
C TYR B 301 27.86 15.15 -0.25
N SER B 302 28.64 16.13 0.20
CA SER B 302 28.25 17.53 0.10
C SER B 302 29.39 18.34 -0.48
N ALA B 303 29.12 19.61 -0.73
CA ALA B 303 30.17 20.48 -1.24
C ALA B 303 30.86 21.20 -0.08
N PRO B 304 32.15 21.47 -0.19
CA PRO B 304 32.84 22.21 0.89
C PRO B 304 32.25 23.59 1.14
N THR B 305 31.71 24.25 0.12
CA THR B 305 31.02 25.51 0.35
C THR B 305 29.82 25.32 1.27
N ALA B 306 29.06 24.24 1.04
CA ALA B 306 27.95 23.92 1.93
C ALA B 306 28.45 23.65 3.34
N PHE B 307 29.62 23.03 3.47
CA PHE B 307 30.17 22.76 4.79
C PHE B 307 30.58 24.05 5.50
N ARG B 308 31.23 24.98 4.79
CA ARG B 308 31.57 26.26 5.40
C ARG B 308 30.33 27.03 5.82
N MET B 309 29.32 27.03 4.94
CA MET B 309 28.09 27.75 5.24
C MET B 309 27.37 27.10 6.41
N LEU B 310 27.50 25.79 6.54
CA LEU B 310 26.91 25.14 7.72
C LEU B 310 27.69 25.50 8.98
N MET B 311 29.02 25.55 8.88
CA MET B 311 29.86 25.91 10.03
C MET B 311 29.54 27.33 10.50
N GLY B 312 29.21 28.22 9.57
CA GLY B 312 28.85 29.58 9.92
C GLY B 312 27.66 29.67 10.85
N ALA B 313 26.78 28.65 10.84
CA ALA B 313 25.62 28.65 11.72
C ALA B 313 25.99 28.37 13.17
N GLY B 314 27.13 27.74 13.42
CA GLY B 314 27.55 27.43 14.77
C GLY B 314 27.27 25.99 15.15
N ASP B 315 28.06 25.49 16.10
CA ASP B 315 27.92 24.12 16.56
C ASP B 315 26.71 23.92 17.47
N GLU B 316 26.18 25.00 18.04
CA GLU B 316 25.01 24.87 18.90
C GLU B 316 23.78 24.40 18.13
N MET B 317 23.67 24.81 16.86
CA MET B 317 22.58 24.32 16.02
C MET B 317 22.68 22.81 15.82
N ALA B 318 23.88 22.31 15.57
CA ALA B 318 24.09 20.87 15.43
C ALA B 318 23.81 20.15 16.75
N ALA B 319 24.22 20.75 17.87
CA ALA B 319 24.01 20.12 19.16
C ALA B 319 22.53 19.94 19.48
N LYS B 320 21.67 20.82 18.96
CA LYS B 320 20.23 20.67 19.14
C LYS B 320 19.67 19.45 18.43
N TYR B 321 20.42 18.86 17.49
CA TYR B 321 19.95 17.75 16.68
C TYR B 321 20.79 16.50 16.96
N ASP B 322 20.22 15.35 16.59
CA ASP B 322 20.88 14.07 16.77
C ASP B 322 21.68 13.74 15.50
N LEU B 323 23.01 13.70 15.65
CA LEU B 323 23.90 13.46 14.52
C LEU B 323 24.72 12.18 14.68
N THR B 324 24.29 11.26 15.55
CA THR B 324 25.02 10.02 15.73
C THR B 324 24.82 9.03 14.58
N SER B 325 23.85 9.28 13.69
CA SER B 325 23.64 8.36 12.58
C SER B 325 24.67 8.53 11.47
N LEU B 326 25.38 9.66 11.45
CA LEU B 326 26.40 9.88 10.44
C LEU B 326 27.56 8.90 10.63
N ARG B 327 28.00 8.29 9.53
CA ARG B 327 29.13 7.37 9.57
C ARG B 327 30.13 7.57 8.45
N HIS B 328 29.77 8.28 7.38
CA HIS B 328 30.65 8.39 6.21
C HIS B 328 30.25 9.65 5.46
N VAL B 329 31.07 10.70 5.54
CA VAL B 329 30.75 11.97 4.90
C VAL B 329 31.94 12.46 4.09
N LEU B 330 31.63 13.08 2.95
CA LEU B 330 32.63 13.41 1.93
C LEU B 330 32.31 14.76 1.30
N SER B 331 33.33 15.35 0.67
CA SER B 331 33.24 16.66 0.05
C SER B 331 33.52 16.57 -1.45
N VAL B 332 32.95 17.50 -2.21
CA VAL B 332 32.90 17.44 -3.67
C VAL B 332 33.77 18.53 -4.26
N GLY B 333 34.75 18.13 -5.06
CA GLY B 333 35.34 18.99 -6.07
C GLY B 333 35.94 20.30 -5.60
N GLU B 334 36.34 20.40 -4.34
CA GLU B 334 37.06 21.56 -3.86
C GLU B 334 38.12 21.11 -2.86
N PRO B 335 39.24 21.81 -2.78
CA PRO B 335 40.27 21.46 -1.79
C PRO B 335 39.73 21.68 -0.38
N LEU B 336 39.56 20.58 0.35
CA LEU B 336 39.08 20.65 1.72
C LEU B 336 40.10 21.35 2.61
N ASN B 337 39.60 22.06 3.60
CA ASN B 337 40.48 22.77 4.52
C ASN B 337 40.64 21.97 5.81
N PRO B 338 41.83 22.02 6.43
CA PRO B 338 42.02 21.29 7.69
C PRO B 338 41.03 21.68 8.77
N GLU B 339 40.68 22.96 8.86
CA GLU B 339 39.68 23.39 9.83
C GLU B 339 38.35 22.68 9.62
N VAL B 340 38.00 22.42 8.37
CA VAL B 340 36.76 21.69 8.09
C VAL B 340 36.87 20.26 8.59
N ILE B 341 38.06 19.66 8.43
CA ILE B 341 38.28 18.31 8.96
C ILE B 341 38.05 18.30 10.47
N ARG B 342 38.66 19.25 11.18
CA ARG B 342 38.52 19.28 12.63
C ARG B 342 37.07 19.51 13.05
N TRP B 343 36.38 20.44 12.39
CA TRP B 343 35.00 20.73 12.74
C TRP B 343 34.12 19.52 12.51
N GLY B 344 34.28 18.85 11.36
CA GLY B 344 33.50 17.66 11.09
C GLY B 344 33.79 16.53 12.08
N HIS B 345 35.02 16.46 12.57
CA HIS B 345 35.34 15.39 13.52
C HIS B 345 34.74 15.67 14.90
N LYS B 346 34.72 16.93 15.35
CA LYS B 346 34.07 17.21 16.64
C LYS B 346 32.54 17.31 16.59
N VAL B 347 31.92 17.72 15.47
CA VAL B 347 30.48 17.90 15.44
C VAL B 347 29.76 16.66 14.91
N PHE B 348 30.42 15.83 14.11
CA PHE B 348 29.82 14.60 13.61
C PHE B 348 30.46 13.35 14.19
N ASN B 349 31.56 13.48 14.93
CA ASN B 349 32.36 12.35 15.43
C ASN B 349 32.87 11.47 14.30
N LYS B 350 32.83 11.96 13.06
CA LYS B 350 33.22 11.19 11.89
C LYS B 350 34.16 12.01 11.02
N ARG B 351 34.88 11.29 10.15
CA ARG B 351 35.89 11.87 9.28
C ARG B 351 35.30 12.24 7.92
N ILE B 352 35.80 13.34 7.34
CA ILE B 352 35.43 13.78 6.01
C ILE B 352 36.51 13.33 5.03
N HIS B 353 36.08 12.82 3.88
CA HIS B 353 36.99 12.37 2.84
C HIS B 353 36.87 13.29 1.63
N ASP B 354 37.94 14.01 1.34
CA ASP B 354 37.97 14.92 0.20
C ASP B 354 38.36 14.15 -1.06
N THR B 355 37.53 14.27 -2.09
CA THR B 355 37.75 13.58 -3.35
C THR B 355 37.84 14.60 -4.48
N TRP B 356 38.60 14.25 -5.53
CA TRP B 356 38.84 15.14 -6.65
C TRP B 356 38.42 14.50 -7.96
N TRP B 357 37.85 15.33 -8.83
CA TRP B 357 37.51 14.99 -10.21
C TRP B 357 36.94 16.26 -10.84
N MET B 358 36.69 16.19 -12.14
CA MET B 358 36.07 17.29 -12.85
C MET B 358 35.07 16.73 -13.85
N THR B 359 34.36 17.64 -14.53
CA THR B 359 33.42 17.22 -15.55
C THR B 359 34.11 16.43 -16.65
N GLU B 360 35.35 16.81 -16.98
CA GLU B 360 36.09 16.11 -18.02
C GLU B 360 36.44 14.68 -17.59
N THR B 361 36.78 14.50 -16.31
CA THR B 361 37.16 13.18 -15.82
C THR B 361 35.96 12.26 -15.64
N GLY B 362 34.79 12.81 -15.35
CA GLY B 362 33.56 12.03 -15.30
C GLY B 362 33.25 11.38 -13.97
N SER B 363 34.28 11.00 -13.21
CA SER B 363 34.08 10.37 -11.91
C SER B 363 35.34 10.56 -11.07
N GLN B 364 35.25 10.16 -9.81
CA GLN B 364 36.37 10.34 -8.89
C GLN B 364 37.56 9.51 -9.33
N LEU B 365 38.75 10.11 -9.24
CA LEU B 365 39.99 9.40 -9.53
C LEU B 365 40.87 9.27 -8.31
N ILE B 366 41.25 10.38 -7.67
CA ILE B 366 42.17 10.38 -6.54
C ILE B 366 41.39 10.81 -5.31
N CYS B 367 41.24 9.92 -4.34
CA CYS B 367 40.35 10.13 -3.22
C CYS B 367 40.95 9.54 -1.95
N ASN B 368 40.31 9.84 -0.82
CA ASN B 368 40.58 9.19 0.45
C ASN B 368 39.65 7.98 0.64
N TYR B 369 40.10 7.04 1.45
CA TYR B 369 39.34 5.83 1.69
C TYR B 369 39.18 5.59 3.17
N PRO B 370 38.05 4.99 3.59
CA PRO B 370 37.87 4.68 5.01
C PRO B 370 38.91 3.73 5.57
N CYS B 371 39.40 2.79 4.76
CA CYS B 371 40.43 1.85 5.16
C CYS B 371 41.83 2.43 5.02
N MET B 372 41.96 3.75 4.98
CA MET B 372 43.21 4.38 4.63
C MET B 372 43.39 5.66 5.44
N ASP B 373 44.63 5.91 5.84
CA ASP B 373 44.96 7.11 6.63
C ASP B 373 44.67 8.36 5.82
N ILE B 374 44.25 9.42 6.51
CA ILE B 374 43.92 10.70 5.89
C ILE B 374 44.94 11.73 6.33
N LYS B 375 45.58 12.38 5.36
CA LYS B 375 46.35 13.58 5.63
C LYS B 375 45.52 14.79 5.23
N PRO B 376 45.12 15.64 6.17
CA PRO B 376 44.23 16.75 5.82
C PRO B 376 44.84 17.66 4.76
N GLY B 377 43.98 18.14 3.86
CA GLY B 377 44.42 18.96 2.75
C GLY B 377 44.94 18.21 1.56
N SER B 378 44.81 16.89 1.53
CA SER B 378 45.36 16.06 0.47
C SER B 378 44.25 15.43 -0.35
N MET B 379 44.54 15.24 -1.65
CA MET B 379 43.61 14.54 -2.53
C MET B 379 43.36 13.12 -2.06
N GLY B 380 44.42 12.43 -1.65
CA GLY B 380 44.37 11.01 -1.40
C GLY B 380 45.22 10.26 -2.42
N LYS B 381 44.77 9.08 -2.82
CA LYS B 381 45.48 8.26 -3.77
C LYS B 381 44.53 7.80 -4.87
N PRO B 382 45.05 7.54 -6.07
CA PRO B 382 44.18 7.11 -7.17
C PRO B 382 43.51 5.78 -6.86
N ILE B 383 42.31 5.60 -7.39
CA ILE B 383 41.60 4.34 -7.24
C ILE B 383 42.39 3.29 -8.00
N PRO B 384 42.43 2.04 -7.53
CA PRO B 384 43.07 0.99 -8.33
C PRO B 384 42.38 0.82 -9.67
N GLY B 385 43.20 0.54 -10.69
CA GLY B 385 42.75 0.56 -12.06
C GLY B 385 42.90 1.90 -12.75
N VAL B 386 43.31 2.93 -12.03
CA VAL B 386 43.55 4.25 -12.60
C VAL B 386 44.98 4.66 -12.24
N GLU B 387 45.77 5.00 -13.25
CA GLU B 387 47.15 5.39 -13.05
C GLU B 387 47.26 6.91 -13.18
N ALA B 388 47.76 7.56 -12.13
CA ALA B 388 47.94 9.00 -12.11
C ALA B 388 49.42 9.31 -11.98
N ALA B 389 49.82 10.48 -12.46
CA ALA B 389 51.22 10.88 -12.43
C ALA B 389 51.32 12.40 -12.45
N ILE B 390 52.51 12.88 -12.17
CA ILE B 390 52.84 14.30 -12.24
C ILE B 390 53.81 14.47 -13.39
N VAL B 391 53.34 15.06 -14.49
CA VAL B 391 54.12 15.22 -15.70
C VAL B 391 54.40 16.70 -15.92
N ASP B 392 55.48 16.95 -16.66
CA ASP B 392 55.86 18.28 -17.08
C ASP B 392 55.30 18.55 -18.48
N ASN B 393 55.78 19.62 -19.11
CA ASN B 393 55.38 19.90 -20.49
C ASN B 393 55.82 18.78 -21.42
N GLN B 394 57.02 18.25 -21.22
CA GLN B 394 57.51 17.13 -22.02
C GLN B 394 56.85 15.80 -21.66
N GLY B 395 56.30 15.70 -20.44
CA GLY B 395 55.55 14.52 -20.04
C GLY B 395 56.31 13.45 -19.30
N ASN B 396 57.58 13.68 -18.99
CA ASN B 396 58.32 12.73 -18.16
C ASN B 396 57.75 12.73 -16.76
N GLU B 397 57.57 11.53 -16.18
CA GLU B 397 56.99 11.42 -14.85
C GLU B 397 57.90 12.06 -13.82
N LEU B 398 57.41 13.13 -13.19
CA LEU B 398 58.21 13.85 -12.22
C LEU B 398 58.24 13.09 -10.89
N PRO B 399 59.41 12.91 -10.27
CA PRO B 399 59.44 12.32 -8.95
C PRO B 399 58.72 13.20 -7.95
N PRO B 400 58.20 12.60 -6.83
CA PRO B 400 57.38 13.45 -5.94
C PRO B 400 58.01 14.64 -5.25
N TYR B 401 57.20 15.38 -4.50
CA TYR B 401 57.68 16.56 -3.77
C TYR B 401 58.23 17.66 -4.66
N ARG B 402 57.69 17.79 -5.87
CA ARG B 402 58.09 18.89 -6.74
C ARG B 402 56.89 19.32 -7.57
N MET B 403 56.82 20.60 -7.90
CA MET B 403 55.64 21.11 -8.59
C MET B 403 55.54 20.53 -10.00
N GLY B 404 54.33 20.22 -10.42
CA GLY B 404 54.12 19.66 -11.73
C GLY B 404 52.65 19.66 -12.12
N ASN B 405 52.37 19.02 -13.25
CA ASN B 405 51.02 18.99 -13.81
C ASN B 405 50.39 17.63 -13.58
N LEU B 406 49.20 17.62 -12.98
CA LEU B 406 48.44 16.38 -12.86
C LEU B 406 48.14 15.79 -14.23
N ALA B 407 48.37 14.49 -14.37
CA ALA B 407 47.98 13.78 -15.58
C ALA B 407 47.52 12.40 -15.18
N ILE B 408 46.65 11.82 -16.00
CA ILE B 408 46.14 10.48 -15.76
C ILE B 408 46.31 9.68 -17.04
N LYS B 409 46.81 8.46 -16.90
CA LYS B 409 46.99 7.60 -18.07
C LYS B 409 45.65 7.41 -18.78
N LYS B 410 45.66 7.56 -20.10
CA LYS B 410 44.43 7.52 -20.87
C LYS B 410 43.77 6.14 -20.80
N GLY B 411 42.52 6.09 -21.24
CA GLY B 411 41.81 4.85 -21.39
C GLY B 411 41.00 4.39 -20.19
N TRP B 412 41.02 5.14 -19.09
CA TRP B 412 40.23 4.73 -17.93
C TRP B 412 38.74 4.81 -18.25
N PRO B 413 37.93 3.96 -17.62
CA PRO B 413 36.52 3.84 -18.02
C PRO B 413 35.77 5.15 -18.13
N SER B 414 36.03 6.09 -17.23
CA SER B 414 35.30 7.35 -17.23
C SER B 414 35.78 8.40 -18.23
N MET B 415 36.62 8.01 -19.19
CA MET B 415 37.15 8.94 -20.17
C MET B 415 36.02 9.56 -20.99
N MET B 416 36.18 10.83 -21.35
CA MET B 416 35.17 11.50 -22.17
C MET B 416 35.23 11.02 -23.60
N HIS B 417 34.11 11.09 -24.30
CA HIS B 417 34.10 10.71 -25.71
C HIS B 417 34.67 11.86 -26.51
N THR B 418 34.08 13.06 -26.38
CA THR B 418 34.53 14.24 -27.08
C THR B 418 33.78 15.45 -26.55
N ILE B 419 34.31 16.62 -26.87
CA ILE B 419 33.55 17.86 -26.75
C ILE B 419 32.58 17.94 -27.91
N TRP B 420 31.35 18.36 -27.64
CA TRP B 420 30.31 18.32 -28.66
C TRP B 420 30.67 19.19 -29.86
N ASN B 421 30.87 18.55 -31.01
CA ASN B 421 31.14 19.22 -32.29
C ASN B 421 32.39 20.08 -32.25
N ASN B 422 33.30 19.80 -31.32
CA ASN B 422 34.57 20.53 -31.20
C ASN B 422 35.71 19.53 -31.00
N PRO B 423 36.07 18.80 -32.06
CA PRO B 423 37.16 17.82 -31.92
C PRO B 423 38.49 18.45 -31.56
N GLU B 424 38.76 19.67 -32.01
CA GLU B 424 40.02 20.33 -31.67
C GLU B 424 40.15 20.55 -30.17
N LYS B 425 39.08 21.01 -29.52
CA LYS B 425 39.13 21.18 -28.08
C LYS B 425 39.22 19.85 -27.36
N TYR B 426 38.62 18.79 -27.91
CA TYR B 426 38.76 17.47 -27.31
C TYR B 426 40.19 16.98 -27.36
N GLU B 427 40.87 17.20 -28.49
CA GLU B 427 42.27 16.79 -28.59
C GLU B 427 43.21 17.72 -27.83
N SER B 428 42.78 18.95 -27.55
CA SER B 428 43.61 19.86 -26.76
C SER B 428 43.79 19.39 -25.33
N TYR B 429 42.89 18.55 -24.82
CA TYR B 429 42.99 18.04 -23.46
C TYR B 429 44.03 16.94 -23.31
N PHE B 430 44.50 16.35 -24.40
CA PHE B 430 45.33 15.16 -24.37
C PHE B 430 46.75 15.52 -24.75
N MET B 431 47.72 14.88 -24.10
CA MET B 431 49.12 15.09 -24.42
C MET B 431 49.69 13.78 -24.95
N PRO B 432 50.37 13.80 -26.14
CA PRO B 432 50.82 12.51 -26.64
C PRO B 432 51.65 11.71 -25.65
N GLY B 433 51.37 10.42 -25.54
CA GLY B 433 52.11 9.59 -24.61
C GLY B 433 51.15 8.88 -23.68
N GLY B 434 49.87 8.85 -24.05
CA GLY B 434 48.89 8.18 -23.22
C GLY B 434 48.47 8.94 -21.99
N TRP B 435 48.77 10.24 -21.91
CA TRP B 435 48.48 11.05 -20.74
C TRP B 435 47.40 12.06 -21.06
N TYR B 436 46.36 12.11 -20.23
CA TYR B 436 45.36 13.17 -20.27
C TYR B 436 45.72 14.18 -19.20
N VAL B 437 45.69 15.46 -19.56
CA VAL B 437 45.98 16.55 -18.64
C VAL B 437 44.67 17.27 -18.33
N SER B 438 44.33 17.35 -17.05
CA SER B 438 43.10 17.98 -16.60
C SER B 438 43.23 19.48 -16.40
N GLY B 439 44.42 20.04 -16.61
CA GLY B 439 44.65 21.45 -16.40
C GLY B 439 44.93 21.84 -14.96
N ASP B 440 45.05 20.88 -14.06
CA ASP B 440 45.33 21.14 -12.65
C ASP B 440 46.77 20.79 -12.32
N SER B 441 47.38 21.61 -11.47
CA SER B 441 48.76 21.43 -11.06
C SER B 441 48.80 20.84 -9.66
N ALA B 442 49.59 19.78 -9.49
CA ALA B 442 49.67 19.08 -8.20
C ALA B 442 50.97 18.29 -8.16
N TYR B 443 51.18 17.60 -7.04
CA TYR B 443 52.35 16.76 -6.86
C TYR B 443 51.99 15.53 -6.05
N MET B 444 52.83 14.50 -6.14
CA MET B 444 52.59 13.21 -5.52
C MET B 444 53.37 13.08 -4.22
N ASP B 445 53.26 11.91 -3.59
CA ASP B 445 53.91 11.58 -2.34
C ASP B 445 54.51 10.20 -2.42
N GLU B 446 55.51 9.93 -1.58
CA GLU B 446 56.20 8.64 -1.61
C GLU B 446 55.23 7.49 -1.35
N GLU B 447 54.34 7.65 -0.38
CA GLU B 447 53.29 6.64 -0.19
C GLU B 447 52.33 6.61 -1.36
N GLY B 448 52.08 7.76 -1.98
CA GLY B 448 51.13 7.87 -3.08
C GLY B 448 50.11 8.97 -2.91
N TYR B 449 50.19 9.77 -1.84
CA TYR B 449 49.24 10.86 -1.64
C TYR B 449 49.39 11.91 -2.73
N PHE B 450 48.30 12.65 -2.96
CA PHE B 450 48.28 13.73 -3.94
C PHE B 450 47.87 15.03 -3.27
N TRP B 451 48.60 16.10 -3.59
CA TRP B 451 48.38 17.41 -2.99
C TRP B 451 48.43 18.47 -4.08
N PHE B 452 47.60 19.50 -3.92
CA PHE B 452 47.66 20.67 -4.80
C PHE B 452 49.04 21.31 -4.80
N HIS C 4 -41.50 18.99 4.16
CA HIS C 4 -42.60 19.48 3.34
C HIS C 4 -42.43 19.06 1.89
N LYS C 5 -43.50 19.21 1.10
CA LYS C 5 -43.53 18.72 -0.28
C LYS C 5 -43.96 19.83 -1.22
N THR C 6 -43.23 19.99 -2.32
CA THR C 6 -43.61 20.89 -3.41
C THR C 6 -43.93 20.06 -4.64
N TYR C 7 -45.09 20.29 -5.24
CA TYR C 7 -45.51 19.54 -6.41
C TYR C 7 -44.67 19.91 -7.62
N HIS C 8 -44.34 18.90 -8.44
CA HIS C 8 -43.62 19.13 -9.68
C HIS C 8 -44.15 18.17 -10.74
N SER C 9 -44.00 18.57 -11.99
CA SER C 9 -44.52 17.79 -13.11
C SER C 9 -43.72 18.07 -14.37
N ALA C 10 -43.81 17.14 -15.31
CA ALA C 10 -43.16 17.26 -16.61
C ALA C 10 -43.86 16.33 -17.59
N ASN C 11 -43.60 16.54 -18.88
CA ASN C 11 -44.26 15.81 -19.94
C ASN C 11 -43.22 15.23 -20.89
N ILE C 12 -43.49 14.02 -21.38
CA ILE C 12 -42.64 13.36 -22.37
C ILE C 12 -43.51 12.84 -23.50
N LYS C 13 -42.90 12.69 -24.67
CA LYS C 13 -43.61 12.35 -25.89
C LYS C 13 -42.97 11.13 -26.54
N THR C 14 -43.79 10.22 -27.06
CA THR C 14 -43.31 9.04 -27.77
C THR C 14 -44.42 8.54 -28.69
N ALA C 15 -44.14 7.43 -29.38
CA ALA C 15 -45.07 6.90 -30.36
C ALA C 15 -46.40 6.52 -29.73
N THR C 16 -46.39 6.09 -28.47
CA THR C 16 -47.63 5.72 -27.80
C THR C 16 -48.39 6.93 -27.26
N GLY C 17 -47.80 8.12 -27.31
CA GLY C 17 -48.50 9.32 -26.87
C GLY C 17 -47.71 10.17 -25.91
N SER C 18 -48.42 10.90 -25.04
CA SER C 18 -47.80 11.80 -24.08
C SER C 18 -47.92 11.21 -22.69
N LEU C 19 -46.80 11.14 -21.98
CA LEU C 19 -46.76 10.65 -20.60
C LEU C 19 -46.48 11.81 -19.67
N LEU C 20 -47.28 11.92 -18.61
CA LEU C 20 -47.18 12.99 -17.64
C LEU C 20 -46.60 12.42 -16.35
N ILE C 21 -45.51 13.04 -15.87
CA ILE C 21 -44.86 12.55 -14.67
C ILE C 21 -45.16 13.40 -13.47
N GLU C 22 -46.27 13.12 -12.79
CA GLU C 22 -46.60 13.85 -11.57
C GLU C 22 -45.55 13.54 -10.53
N GLY C 23 -45.12 14.57 -9.79
CA GLY C 23 -44.09 14.38 -8.77
C GLY C 23 -44.70 13.91 -7.47
N PRO C 24 -44.38 14.58 -6.36
CA PRO C 24 -45.06 14.15 -5.14
C PRO C 24 -46.53 14.40 -5.38
N VAL C 25 -47.40 13.44 -5.08
CA VAL C 25 -48.82 13.60 -5.40
C VAL C 25 -49.67 13.23 -4.19
N SER C 26 -50.86 13.82 -4.05
CA SER C 26 -51.64 13.60 -2.85
C SER C 26 -52.30 12.23 -2.88
N PRO C 27 -52.32 11.49 -1.77
CA PRO C 27 -52.76 10.08 -1.81
C PRO C 27 -54.17 9.89 -2.32
N GLU C 28 -55.07 10.87 -2.11
CA GLU C 28 -56.44 10.71 -2.57
C GLU C 28 -56.51 10.58 -4.09
N ASP C 29 -55.58 11.21 -4.81
CA ASP C 29 -55.61 11.13 -6.26
C ASP C 29 -55.08 9.80 -6.75
N LEU C 30 -54.03 9.27 -6.12
CA LEU C 30 -53.58 7.91 -6.44
C LEU C 30 -54.66 6.88 -6.14
N ALA C 31 -55.42 7.09 -5.06
CA ALA C 31 -56.52 6.19 -4.75
C ALA C 31 -57.55 6.15 -5.88
N GLY C 32 -57.61 7.20 -6.68
CA GLY C 32 -58.54 7.30 -7.79
C GLY C 32 -58.02 6.87 -9.15
N TYR C 33 -56.76 6.45 -9.26
CA TYR C 33 -56.25 6.06 -10.57
C TYR C 33 -56.59 4.60 -10.87
N GLU C 34 -56.23 4.20 -12.09
CA GLU C 34 -56.35 2.81 -12.53
C GLU C 34 -54.95 2.23 -12.68
N PHE C 35 -54.73 1.06 -12.09
CA PHE C 35 -53.42 0.44 -12.09
C PHE C 35 -53.08 -0.17 -13.45
N HIS C 36 -51.82 -0.55 -13.61
CA HIS C 36 -51.33 -1.23 -14.80
C HIS C 36 -51.28 -2.72 -14.53
N LYS C 37 -51.98 -3.49 -15.36
CA LYS C 37 -52.05 -4.94 -15.14
C LYS C 37 -50.71 -5.62 -15.42
N ASP C 38 -49.90 -5.04 -16.30
CA ASP C 38 -48.62 -5.66 -16.65
C ASP C 38 -47.56 -5.46 -15.58
N LEU C 39 -47.70 -4.45 -14.73
CA LEU C 39 -46.67 -4.09 -13.77
C LEU C 39 -46.90 -4.85 -12.47
N THR C 40 -46.36 -6.07 -12.41
CA THR C 40 -46.42 -6.94 -11.23
C THR C 40 -45.04 -7.44 -10.85
N ALA C 41 -44.06 -6.53 -10.83
CA ALA C 41 -42.67 -6.94 -10.58
C ALA C 41 -42.45 -7.34 -9.13
N PHE C 42 -43.16 -6.71 -8.19
CA PHE C 42 -42.95 -6.93 -6.78
C PHE C 42 -44.11 -7.65 -6.11
N ARG C 43 -45.34 -7.21 -6.35
CA ARG C 43 -46.52 -7.71 -5.67
C ARG C 43 -47.70 -7.72 -6.65
N PRO C 44 -48.83 -8.29 -6.26
CA PRO C 44 -50.06 -8.06 -7.03
C PRO C 44 -50.51 -6.62 -6.94
N PRO C 45 -51.33 -6.15 -7.89
CA PRO C 45 -51.71 -4.73 -7.92
C PRO C 45 -52.27 -4.19 -6.61
N ARG C 46 -53.07 -5.01 -5.91
CA ARG C 46 -53.67 -4.60 -4.65
C ARG C 46 -52.60 -4.21 -3.63
N GLU C 47 -51.54 -5.04 -3.53
CA GLU C 47 -50.54 -4.83 -2.49
C GLU C 47 -49.71 -3.59 -2.76
N GLN C 48 -49.24 -3.39 -3.99
CA GLN C 48 -48.51 -2.15 -4.23
C GLN C 48 -49.42 -0.93 -4.27
N HIS C 49 -50.71 -1.08 -4.57
CA HIS C 49 -51.62 0.04 -4.38
C HIS C 49 -51.68 0.45 -2.91
N GLU C 50 -51.79 -0.53 -2.01
CA GLU C 50 -51.78 -0.24 -0.59
C GLU C 50 -50.46 0.39 -0.18
N ALA C 51 -49.34 -0.10 -0.70
CA ALA C 51 -48.05 0.49 -0.41
C ALA C 51 -47.99 1.94 -0.91
N LEU C 52 -48.43 2.18 -2.14
CA LEU C 52 -48.36 3.53 -2.69
C LEU C 52 -49.17 4.49 -1.87
N VAL C 53 -50.39 4.11 -1.48
CA VAL C 53 -51.22 5.02 -0.70
C VAL C 53 -50.64 5.21 0.70
N ASP C 54 -50.07 4.16 1.29
CA ASP C 54 -49.50 4.28 2.63
C ASP C 54 -48.31 5.22 2.65
N ILE C 55 -47.36 5.02 1.73
CA ILE C 55 -46.22 5.93 1.65
C ILE C 55 -46.64 7.33 1.25
N ALA C 56 -47.65 7.46 0.38
CA ALA C 56 -48.18 8.79 0.09
C ALA C 56 -48.75 9.45 1.33
N GLY C 57 -49.26 8.65 2.27
CA GLY C 57 -49.76 9.20 3.53
C GLY C 57 -48.70 9.47 4.57
N LEU C 58 -47.50 8.91 4.43
CA LEU C 58 -46.46 9.14 5.41
C LEU C 58 -45.96 10.58 5.33
N PRO C 59 -45.59 11.18 6.46
CA PRO C 59 -45.00 12.53 6.42
C PRO C 59 -43.71 12.61 5.62
N GLU C 60 -42.89 11.55 5.65
CA GLU C 60 -41.64 11.53 4.90
C GLU C 60 -41.70 10.67 3.65
N GLY C 61 -42.57 9.67 3.61
CA GLY C 61 -42.69 8.85 2.42
C GLY C 61 -43.30 9.64 1.28
N ARG C 62 -42.74 9.44 0.08
CA ARG C 62 -43.18 10.17 -1.10
C ARG C 62 -43.30 9.22 -2.28
N ILE C 63 -44.21 9.56 -3.20
CA ILE C 63 -44.47 8.77 -4.39
C ILE C 63 -44.44 9.69 -5.60
N ILE C 64 -43.73 9.29 -6.64
CA ILE C 64 -43.71 10.02 -7.90
C ILE C 64 -44.20 9.08 -9.00
N ILE C 65 -45.18 9.53 -9.77
CA ILE C 65 -45.90 8.66 -10.70
C ILE C 65 -45.78 9.22 -12.11
N ALA C 66 -45.39 8.37 -13.05
CA ALA C 66 -45.44 8.65 -14.47
C ALA C 66 -46.61 7.87 -15.07
N ARG C 67 -47.51 8.58 -15.76
CA ARG C 67 -48.80 8.02 -16.11
C ARG C 67 -49.20 8.47 -17.50
N ASP C 68 -50.20 7.77 -18.05
CA ASP C 68 -50.86 8.15 -19.30
C ASP C 68 -52.34 8.33 -19.01
N GLY C 69 -52.81 9.57 -19.08
CA GLY C 69 -54.19 9.87 -18.74
C GLY C 69 -54.52 9.59 -17.30
N ARG C 70 -55.51 8.73 -17.05
CA ARG C 70 -55.92 8.35 -15.72
C ARG C 70 -55.35 7.00 -15.28
N THR C 71 -54.44 6.43 -16.05
CA THR C 71 -53.85 5.12 -15.76
C THR C 71 -52.39 5.30 -15.38
N ILE C 72 -52.00 4.70 -14.25
CA ILE C 72 -50.62 4.76 -13.78
C ILE C 72 -49.80 3.70 -14.50
N VAL C 73 -48.61 4.09 -14.98
CA VAL C 73 -47.73 3.14 -15.66
C VAL C 73 -46.38 2.96 -14.97
N GLY C 74 -45.90 3.92 -14.18
CA GLY C 74 -44.66 3.72 -13.45
C GLY C 74 -44.65 4.56 -12.20
N TYR C 75 -43.96 4.06 -11.17
CA TYR C 75 -43.92 4.74 -9.89
C TYR C 75 -42.54 4.60 -9.26
N VAL C 76 -42.17 5.60 -8.47
CA VAL C 76 -40.96 5.58 -7.67
C VAL C 76 -41.32 5.98 -6.24
N THR C 77 -40.91 5.16 -5.28
CA THR C 77 -41.23 5.38 -3.88
C THR C 77 -39.97 5.78 -3.11
N TYR C 78 -40.17 6.57 -2.06
CA TYR C 78 -39.09 7.04 -1.20
C TYR C 78 -39.36 6.67 0.26
N LEU C 79 -39.90 5.48 0.49
CA LEU C 79 -40.30 5.05 1.83
C LEU C 79 -39.10 4.89 2.76
N TYR C 80 -39.35 5.10 4.04
CA TYR C 80 -38.31 4.93 5.04
C TYR C 80 -37.90 3.46 5.14
N PRO C 81 -36.65 3.18 5.50
CA PRO C 81 -36.17 1.79 5.52
C PRO C 81 -36.99 0.93 6.48
N ASP C 82 -37.11 -0.35 6.11
CA ASP C 82 -37.92 -1.29 6.87
C ASP C 82 -37.43 -1.34 8.31
N PRO C 83 -38.33 -1.26 9.30
CA PRO C 83 -37.86 -1.24 10.71
C PRO C 83 -37.04 -2.45 11.11
N LEU C 84 -37.38 -3.63 10.60
CA LEU C 84 -36.56 -4.81 10.88
C LEU C 84 -35.29 -4.84 10.04
N GLU C 85 -35.24 -4.09 8.95
CA GLU C 85 -34.04 -4.08 8.11
C GLU C 85 -32.91 -3.36 8.81
N ARG C 86 -31.68 -3.83 8.56
CA ARG C 86 -30.51 -3.30 9.24
C ARG C 86 -30.24 -1.84 8.89
N TRP C 87 -30.68 -1.38 7.72
CA TRP C 87 -30.47 0.02 7.35
C TRP C 87 -31.29 0.98 8.21
N SER C 88 -32.25 0.46 8.96
CA SER C 88 -33.08 1.32 9.81
C SER C 88 -32.83 1.08 11.30
N GLU C 89 -31.64 0.59 11.64
CA GLU C 89 -31.34 0.34 13.05
C GLU C 89 -31.44 1.63 13.86
N GLY C 90 -30.99 2.74 13.29
CA GLY C 90 -31.24 4.03 13.92
C GLY C 90 -32.72 4.39 13.97
N ASN C 91 -33.46 4.02 12.92
CA ASN C 91 -34.89 4.37 12.83
C ASN C 91 -35.09 5.86 13.06
N MET C 92 -34.46 6.70 12.23
CA MET C 92 -34.54 8.14 12.44
C MET C 92 -34.99 8.98 11.25
N GLU C 93 -34.23 10.02 10.92
CA GLU C 93 -34.64 10.92 9.83
C GLU C 93 -33.55 11.15 8.80
N ASP C 94 -33.94 11.61 7.60
CA ASP C 94 -32.99 11.86 6.50
C ASP C 94 -32.53 10.56 5.86
N LEU C 95 -33.22 9.48 6.18
CA LEU C 95 -32.90 8.19 5.58
C LEU C 95 -34.16 7.69 4.89
N ILE C 96 -34.19 7.75 3.57
CA ILE C 96 -35.33 7.24 2.81
C ILE C 96 -34.85 6.17 1.84
N GLU C 97 -35.51 5.02 1.86
CA GLU C 97 -35.15 3.91 1.00
C GLU C 97 -35.99 3.96 -0.27
N LEU C 98 -35.32 4.13 -1.41
CA LEU C 98 -35.99 3.98 -2.69
C LEU C 98 -36.40 2.52 -2.87
N GLY C 99 -37.60 2.31 -3.40
CA GLY C 99 -38.09 0.96 -3.58
C GLY C 99 -38.36 0.61 -5.03
N ALA C 100 -39.62 0.34 -5.34
CA ALA C 100 -40.00 -0.04 -6.70
C ALA C 100 -39.82 1.14 -7.64
N ILE C 101 -38.91 1.00 -8.60
CA ILE C 101 -38.67 2.01 -9.62
C ILE C 101 -39.02 1.51 -11.01
N GLU C 102 -39.15 0.20 -11.21
CA GLU C 102 -39.36 -0.37 -12.52
C GLU C 102 -40.65 0.15 -13.16
N VAL C 103 -40.70 0.06 -14.49
CA VAL C 103 -41.84 0.51 -15.26
C VAL C 103 -42.45 -0.68 -16.00
N ALA C 104 -43.51 -0.44 -16.76
CA ALA C 104 -44.19 -1.52 -17.47
C ALA C 104 -43.27 -2.09 -18.55
N PRO C 105 -43.45 -3.36 -18.91
CA PRO C 105 -42.51 -4.00 -19.84
C PRO C 105 -42.48 -3.36 -21.23
N ASP C 106 -43.63 -3.18 -21.88
CA ASP C 106 -43.63 -2.69 -23.24
C ASP C 106 -43.54 -1.17 -23.34
N TYR C 107 -43.56 -0.45 -22.22
CA TYR C 107 -43.14 0.95 -22.23
C TYR C 107 -41.66 1.12 -21.91
N ARG C 108 -40.97 0.04 -21.55
CA ARG C 108 -39.53 0.12 -21.30
C ARG C 108 -38.78 0.39 -22.60
N GLY C 109 -37.63 1.05 -22.52
CA GLY C 109 -36.87 1.39 -23.70
C GLY C 109 -37.32 2.70 -24.33
N CYS C 110 -38.25 3.38 -23.67
CA CYS C 110 -38.74 4.66 -24.17
C CYS C 110 -38.18 5.81 -23.33
N ALA C 111 -37.12 5.56 -22.56
CA ALA C 111 -36.51 6.57 -21.70
C ALA C 111 -37.49 6.99 -20.61
N VAL C 112 -38.44 6.12 -20.29
CA VAL C 112 -39.46 6.39 -19.29
C VAL C 112 -38.85 6.40 -17.89
N GLY C 113 -37.97 5.44 -17.59
CA GLY C 113 -37.40 5.37 -16.26
C GLY C 113 -36.48 6.52 -15.95
N LYS C 114 -35.62 6.90 -16.90
CA LYS C 114 -34.71 8.02 -16.65
C LYS C 114 -35.47 9.33 -16.50
N THR C 115 -36.50 9.55 -17.33
CA THR C 115 -37.32 10.74 -17.18
C THR C 115 -38.06 10.74 -15.85
N LEU C 116 -38.58 9.58 -15.45
CA LEU C 116 -39.25 9.47 -14.16
C LEU C 116 -38.33 9.83 -13.02
N LEU C 117 -37.10 9.29 -13.04
CA LEU C 117 -36.16 9.56 -11.97
C LEU C 117 -35.72 11.02 -11.95
N THR C 118 -35.49 11.60 -13.13
CA THR C 118 -35.09 13.01 -13.19
C THR C 118 -36.20 13.93 -12.70
N VAL C 119 -37.44 13.67 -13.11
CA VAL C 119 -38.57 14.47 -12.63
C VAL C 119 -38.74 14.29 -11.13
N SER C 120 -38.52 13.08 -10.64
CA SER C 120 -38.50 12.83 -9.20
C SER C 120 -37.49 13.73 -8.50
N MET C 121 -36.27 13.75 -9.04
CA MET C 121 -35.10 14.11 -8.23
C MET C 121 -34.71 15.57 -8.34
N MET C 122 -35.32 16.33 -9.24
CA MET C 122 -34.99 17.76 -9.36
C MET C 122 -35.47 18.55 -8.14
N ASP C 123 -36.40 18.00 -7.37
CA ASP C 123 -36.90 18.65 -6.17
C ASP C 123 -35.79 18.77 -5.12
N GLU C 124 -35.82 19.89 -4.38
CA GLU C 124 -34.83 20.11 -3.32
C GLU C 124 -35.14 19.25 -2.10
N GLN C 125 -36.42 18.91 -1.90
CA GLN C 125 -36.78 17.99 -0.83
C GLN C 125 -36.34 16.56 -1.13
N MET C 126 -36.01 16.25 -2.38
CA MET C 126 -35.26 15.01 -2.65
C MET C 126 -33.85 15.11 -2.11
N GLU C 127 -33.33 16.35 -1.99
CA GLU C 127 -31.92 16.52 -1.67
C GLU C 127 -31.63 16.87 -0.22
N ASN C 128 -32.63 17.23 0.59
CA ASN C 128 -32.33 17.33 2.02
C ASN C 128 -32.11 15.95 2.62
N TYR C 129 -32.73 14.91 2.06
CA TYR C 129 -32.51 13.54 2.49
C TYR C 129 -31.70 12.78 1.43
N ILE C 130 -30.82 11.90 1.91
CA ILE C 130 -30.07 11.05 1.00
C ILE C 130 -31.01 9.92 0.60
N VAL C 131 -30.78 9.32 -0.56
CA VAL C 131 -31.66 8.28 -1.07
C VAL C 131 -30.87 6.99 -1.20
N MET C 132 -31.47 5.86 -0.81
CA MET C 132 -30.82 4.56 -0.94
C MET C 132 -31.82 3.56 -1.48
N THR C 133 -31.28 2.52 -2.11
CA THR C 133 -32.06 1.39 -2.59
C THR C 133 -31.14 0.19 -2.73
N THR C 134 -31.68 -1.00 -2.51
CA THR C 134 -30.92 -2.24 -2.52
C THR C 134 -31.49 -3.14 -3.62
N GLU C 135 -30.64 -3.52 -4.58
CA GLU C 135 -31.07 -4.28 -5.74
C GLU C 135 -30.45 -5.66 -5.72
N TYR C 136 -31.26 -6.68 -6.05
CA TYR C 136 -30.83 -8.07 -6.04
C TYR C 136 -31.24 -8.74 -7.34
N TYR C 137 -30.54 -9.81 -7.70
CA TYR C 137 -30.78 -10.44 -8.99
C TYR C 137 -32.12 -11.16 -9.05
N TRP C 138 -32.62 -11.66 -7.93
CA TRP C 138 -33.87 -12.40 -7.95
C TRP C 138 -35.10 -11.50 -8.04
N HIS C 139 -34.94 -10.20 -7.87
CA HIS C 139 -36.05 -9.26 -8.00
C HIS C 139 -36.28 -8.80 -9.43
N TRP C 140 -35.49 -9.28 -10.39
CA TRP C 140 -35.51 -8.75 -11.74
C TRP C 140 -36.18 -9.73 -12.71
N ASP C 141 -36.60 -9.21 -13.85
CA ASP C 141 -37.23 -10.07 -14.86
C ASP C 141 -36.18 -10.90 -15.55
N LEU C 142 -35.95 -12.11 -15.06
CA LEU C 142 -34.92 -12.96 -15.64
C LEU C 142 -35.17 -13.34 -17.09
N LYS C 143 -36.42 -13.64 -17.42
CA LYS C 143 -36.72 -14.11 -18.77
C LYS C 143 -37.54 -13.13 -19.61
N GLY C 144 -37.99 -12.03 -19.02
CA GLY C 144 -38.84 -11.12 -19.77
C GLY C 144 -38.09 -10.43 -20.90
N MET C 145 -36.83 -10.10 -20.66
CA MET C 145 -36.03 -9.32 -21.61
C MET C 145 -34.81 -10.05 -22.15
N LYS C 146 -34.41 -11.17 -21.55
CA LYS C 146 -33.49 -12.14 -22.16
C LYS C 146 -32.11 -11.54 -22.49
N LYS C 147 -31.49 -10.89 -21.51
CA LYS C 147 -30.07 -10.57 -21.59
C LYS C 147 -29.44 -10.79 -20.22
N ASP C 148 -28.11 -10.90 -20.20
CA ASP C 148 -27.40 -11.54 -19.11
C ASP C 148 -27.27 -10.63 -17.89
N VAL C 149 -26.40 -11.03 -16.96
CA VAL C 149 -26.35 -10.42 -15.63
C VAL C 149 -25.68 -9.05 -15.68
N TRP C 150 -24.42 -9.03 -16.09
CA TRP C 150 -23.62 -7.81 -15.94
C TRP C 150 -24.10 -6.70 -16.86
N GLU C 151 -24.59 -7.05 -18.05
CA GLU C 151 -25.18 -6.03 -18.90
C GLU C 151 -26.44 -5.46 -18.25
N TYR C 152 -27.19 -6.29 -17.54
CA TYR C 152 -28.39 -5.85 -16.85
C TYR C 152 -28.03 -4.86 -15.74
N ARG C 153 -26.99 -5.19 -14.98
CA ARG C 153 -26.49 -4.27 -13.95
C ARG C 153 -26.01 -2.96 -14.57
N LYS C 154 -25.29 -3.05 -15.70
CA LYS C 154 -24.79 -1.84 -16.35
C LYS C 154 -25.93 -0.98 -16.87
N ILE C 155 -26.99 -1.60 -17.39
CA ILE C 155 -28.07 -0.80 -17.95
C ILE C 155 -28.88 -0.14 -16.85
N MET C 156 -29.03 -0.79 -15.67
CA MET C 156 -29.60 0.00 -14.58
C MET C 156 -28.65 1.06 -14.06
N GLU C 157 -27.34 0.83 -14.05
CA GLU C 157 -26.44 1.90 -13.62
C GLU C 157 -26.61 3.11 -14.52
N LYS C 158 -26.71 2.88 -15.83
CA LYS C 158 -26.94 3.98 -16.78
C LYS C 158 -28.29 4.64 -16.52
N MET C 159 -29.37 3.85 -16.48
CA MET C 159 -30.70 4.42 -16.36
C MET C 159 -30.93 5.09 -15.01
N MET C 160 -30.18 4.72 -13.99
CA MET C 160 -30.33 5.30 -12.66
C MET C 160 -29.32 6.39 -12.39
N ASN C 161 -28.34 6.56 -13.29
CA ASN C 161 -27.48 7.74 -13.27
C ASN C 161 -28.22 9.00 -13.70
N ALA C 162 -29.46 8.87 -14.19
CA ALA C 162 -30.26 10.04 -14.53
C ALA C 162 -30.39 10.98 -13.34
N GLY C 163 -30.55 10.42 -12.14
CA GLY C 163 -30.49 11.18 -10.91
C GLY C 163 -29.10 11.39 -10.36
N GLY C 164 -28.08 10.94 -11.08
CA GLY C 164 -26.71 11.08 -10.63
C GLY C 164 -26.31 10.18 -9.48
N LEU C 165 -27.00 9.04 -9.31
CA LEU C 165 -26.72 8.17 -8.19
C LEU C 165 -25.45 7.36 -8.43
N VAL C 166 -24.57 7.34 -7.43
CA VAL C 166 -23.31 6.63 -7.50
C VAL C 166 -23.44 5.32 -6.74
N TRP C 167 -22.66 4.33 -7.15
CA TRP C 167 -22.74 2.99 -6.59
C TRP C 167 -21.97 2.93 -5.28
N PHE C 168 -22.57 2.28 -4.29
CA PHE C 168 -21.98 2.16 -2.96
C PHE C 168 -21.86 0.69 -2.58
N ALA C 169 -20.79 0.38 -1.85
CA ALA C 169 -20.49 -0.98 -1.42
C ALA C 169 -20.87 -1.17 0.05
N THR C 170 -21.32 -2.38 0.37
CA THR C 170 -21.75 -2.68 1.73
C THR C 170 -21.42 -4.13 2.04
N ASP C 171 -21.42 -4.48 3.33
CA ASP C 171 -21.03 -5.83 3.73
C ASP C 171 -22.23 -6.73 3.99
N GLU C 172 -23.41 -6.33 3.52
CA GLU C 172 -24.61 -7.11 3.81
C GLU C 172 -24.41 -8.52 3.33
N PRO C 173 -24.76 -9.50 4.18
CA PRO C 173 -24.64 -10.90 3.79
C PRO C 173 -25.52 -11.16 2.60
N GLU C 174 -26.67 -10.48 2.55
CA GLU C 174 -27.57 -10.65 1.42
C GLU C 174 -27.02 -10.00 0.15
N ILE C 175 -26.43 -8.82 0.28
CA ILE C 175 -25.90 -8.12 -0.90
C ILE C 175 -24.72 -8.89 -1.49
N SER C 176 -23.83 -9.40 -0.62
CA SER C 176 -22.57 -9.98 -1.08
C SER C 176 -22.70 -11.44 -1.49
N SER C 177 -23.89 -12.02 -1.44
CA SER C 177 -24.06 -13.40 -1.87
C SER C 177 -23.85 -13.54 -3.38
N HIS C 178 -23.92 -12.43 -4.12
CA HIS C 178 -23.71 -12.41 -5.55
C HIS C 178 -23.17 -11.03 -5.91
N PRO C 179 -22.09 -10.97 -6.69
CA PRO C 179 -21.55 -9.65 -7.06
C PRO C 179 -22.52 -8.78 -7.86
N ALA C 180 -23.56 -9.36 -8.42
CA ALA C 180 -24.55 -8.57 -9.15
C ALA C 180 -25.41 -7.73 -8.20
N ASN C 181 -25.87 -8.33 -7.11
CA ASN C 181 -26.71 -7.60 -6.16
C ASN C 181 -25.89 -6.52 -5.47
N CYS C 182 -26.39 -5.29 -5.49
CA CYS C 182 -25.62 -4.16 -4.98
C CYS C 182 -26.57 -3.13 -4.38
N LEU C 183 -26.04 -1.92 -4.18
CA LEU C 183 -26.72 -0.85 -3.44
C LEU C 183 -26.55 0.45 -4.20
N MET C 184 -27.64 1.02 -4.69
CA MET C 184 -27.57 2.32 -5.35
C MET C 184 -27.98 3.37 -4.35
N ALA C 185 -27.43 4.57 -4.47
CA ALA C 185 -27.73 5.64 -3.51
C ALA C 185 -27.24 6.98 -4.04
N ARG C 186 -27.85 8.04 -3.52
CA ARG C 186 -27.39 9.41 -3.69
C ARG C 186 -27.21 10.06 -2.33
N ILE C 187 -26.24 10.98 -2.27
CA ILE C 187 -25.94 11.78 -1.08
C ILE C 187 -26.38 13.22 -1.38
N GLY C 188 -27.32 13.73 -0.59
CA GLY C 188 -27.86 15.05 -0.85
C GLY C 188 -26.88 16.16 -0.55
N LYS C 189 -27.10 17.30 -1.21
CA LYS C 189 -26.25 18.46 -0.98
C LYS C 189 -26.65 19.25 0.25
N ASN C 190 -27.87 19.07 0.76
CA ASN C 190 -28.33 19.75 1.96
C ASN C 190 -28.23 18.87 3.20
N VAL C 191 -27.59 17.70 3.10
CA VAL C 191 -27.47 16.81 4.24
C VAL C 191 -26.24 17.18 5.06
N SER C 192 -26.22 16.70 6.30
CA SER C 192 -25.14 17.00 7.23
C SER C 192 -24.00 16.01 7.08
N GLN C 193 -22.80 16.47 7.44
CA GLN C 193 -21.63 15.58 7.43
C GLN C 193 -21.76 14.47 8.46
N GLU C 194 -22.38 14.78 9.61
CA GLU C 194 -22.63 13.75 10.60
C GLU C 194 -23.54 12.66 10.04
N SER C 195 -24.52 13.04 9.22
CA SER C 195 -25.35 12.05 8.54
C SER C 195 -24.52 11.20 7.60
N ILE C 196 -23.53 11.80 6.93
CA ILE C 196 -22.67 11.05 6.03
C ILE C 196 -21.86 10.02 6.81
N GLU C 197 -21.29 10.43 7.95
CA GLU C 197 -20.53 9.49 8.77
C GLU C 197 -21.44 8.38 9.32
N GLN C 198 -22.67 8.75 9.70
CA GLN C 198 -23.62 7.75 10.18
C GLN C 198 -23.94 6.73 9.10
N PHE C 199 -24.15 7.20 7.87
CA PHE C 199 -24.41 6.27 6.77
C PHE C 199 -23.20 5.41 6.46
N ASP C 200 -21.99 5.99 6.60
CA ASP C 200 -20.77 5.19 6.42
C ASP C 200 -20.69 4.08 7.44
N ARG C 201 -20.99 4.38 8.70
CA ARG C 201 -21.01 3.35 9.74
C ARG C 201 -22.09 2.32 9.44
N LEU C 202 -23.26 2.77 8.99
CA LEU C 202 -24.37 1.85 8.74
C LEU C 202 -24.06 0.90 7.59
N ARG C 203 -23.39 1.40 6.55
CA ARG C 203 -23.12 0.58 5.37
C ARG C 203 -22.23 -0.61 5.71
N PHE C 204 -21.18 -0.38 6.50
CA PHE C 204 -20.21 -1.41 6.86
C PHE C 204 -20.43 -1.79 8.32
N TYR C 205 -21.20 -2.86 8.55
CA TYR C 205 -21.51 -3.27 9.91
C TYR C 205 -20.30 -3.90 10.58
N HIS C 206 -19.76 -4.97 9.99
CA HIS C 206 -18.62 -5.70 10.53
C HIS C 206 -17.39 -5.27 9.73
N ARG C 207 -16.80 -4.14 10.13
CA ARG C 207 -15.64 -3.61 9.44
C ARG C 207 -14.35 -4.28 9.87
N TYR C 208 -14.36 -5.05 10.97
CA TYR C 208 -13.13 -5.63 11.49
C TYR C 208 -12.51 -6.63 10.51
N MET C 209 -13.31 -7.14 9.58
CA MET C 209 -12.82 -8.14 8.64
C MET C 209 -12.02 -7.51 7.50
N TYR C 210 -12.12 -6.21 7.33
CA TYR C 210 -11.42 -5.50 6.25
C TYR C 210 -11.10 -4.07 6.67
#